data_7LWD
#
_entry.id   7LWD
#
_cell.length_a   1.00
_cell.length_b   1.00
_cell.length_c   1.00
_cell.angle_alpha   90.00
_cell.angle_beta   90.00
_cell.angle_gamma   90.00
#
_symmetry.space_group_name_H-M   'P 1'
#
loop_
_entity.id
_entity.type
_entity.pdbx_description
1 polymer 'Sodium-dependent serotonin transporter'
2 polymer 'heavy chain antibody fragment'
3 polymer 'light chain antibody fragment'
4 non-polymer 3-(5H-DIBENZO[B,F]AZEPIN-5-YL)-N,N-DIMETHYLPROPAN-1-AMINE
5 non-polymer 5-{4-[4-(5-cyano-1H-indol-3-yl)butyl]piperazin-1-yl}-1-benzofuran-2-carboxamide
6 non-polymer 2-acetamido-2-deoxy-beta-D-glucopyranose
#
loop_
_entity_poly.entity_id
_entity_poly.type
_entity_poly.pdbx_seq_one_letter_code
_entity_poly.pdbx_strand_id
1 'polypeptide(L)'
;GERETWGKKVDFLLSVIGYAVDLGNVWRFPYICYQNGGGAFLLPYTIMAIFGGIPLFYMELALGQYHRNGCISIWRKICP
IFKGIGYAICIIAFYIASYYNTIMAWALYYLISSFTDQLPWTSCKNSWNTGNCTNYFSEDNITWTLHSTSPAEEFYTRHV
LQIHRSKGLQDLGGISWQLALCIMLIFTVIYFSIWKGVKTSGKVVWVTATFPYIILSVLLVRGATLPGAWRGVLFYLKPN
WQKLLETGVWIDAAAQIFFSLGPGFGVLLAFASYNKFNNNCYQDALVTSVVNCMTSFVSGFVIFTVLGYMAEMRNEDVSE
VAKDAGPSLLFITYAEAIANMPASTFFAIIFFLMLITLGLDSTFAGLEGVITAVLDEFPHVWAKRRERFVLAVVITCFFG
SLVTLTFGGAYVVKLLEEYATGPAVLTVALIEAVAVSWFYGITQFCRDVKEMLGFSPGWFWRICWVAISPLFLLFIICSF
LMSPPQLRLFQYNYPYWSIILGYCIGTSSFICIPTYIAYRLIITPGTFKERIIKSITPETP
;
A
2 'polypeptide(L)'
;QVQLQQSGPELVKLGASVRISCKASGYRFSYSWMNWVKQRPGKGLEWIGRIYPGDGDTKYSGKFKGKATLTADKSSSTVY
MQLSSLTSEDSAVYFCARSAYGSEGFAMDYWGQGTSVT
;
H
3 'polypeptide(L)'
;DIVLTQSPASLAVSLGQRATISCRASESVDNYGISFLNWFQQKPGQPPKLLIYAASNQGSGVPARFSGSGSGTYFSLNIH
PMEEDDTAVYFCQQTKGVSWTFGGGTKVEI
;
L
#
# COMPACT_ATOMS: atom_id res chain seq x y z
N GLY A 1 -11.45 9.14 -40.81
CA GLY A 1 -10.72 8.65 -39.66
C GLY A 1 -9.50 9.50 -39.32
N GLU A 2 -9.71 10.80 -39.19
CA GLU A 2 -8.62 11.72 -38.86
C GLU A 2 -8.34 11.68 -37.36
N ARG A 3 -7.29 12.41 -36.97
CA ARG A 3 -6.89 12.49 -35.57
C ARG A 3 -7.95 13.24 -34.78
N GLU A 4 -8.60 12.55 -33.85
CA GLU A 4 -9.63 13.17 -33.02
C GLU A 4 -9.03 14.24 -32.12
N THR A 5 -9.32 15.51 -32.44
CA THR A 5 -8.76 16.61 -31.67
C THR A 5 -9.40 16.68 -30.28
N TRP A 6 -8.73 17.40 -29.39
CA TRP A 6 -9.25 17.60 -28.04
C TRP A 6 -10.52 18.44 -28.08
N GLY A 7 -11.27 18.39 -26.98
CA GLY A 7 -12.46 19.23 -26.88
C GLY A 7 -12.11 20.70 -26.86
N LYS A 8 -11.22 21.09 -25.96
CA LYS A 8 -10.73 22.46 -25.86
C LYS A 8 -9.22 22.44 -25.66
N LYS A 9 -8.62 23.62 -25.62
CA LYS A 9 -7.20 23.70 -25.27
C LYS A 9 -6.97 23.34 -23.81
N VAL A 10 -7.88 23.78 -22.92
CA VAL A 10 -7.78 23.41 -21.52
C VAL A 10 -8.00 21.91 -21.35
N ASP A 11 -8.71 21.27 -22.27
CA ASP A 11 -8.95 19.84 -22.17
C ASP A 11 -7.67 19.04 -22.26
N PHE A 12 -6.64 19.57 -22.92
CA PHE A 12 -5.32 18.96 -22.98
C PHE A 12 -4.37 19.57 -21.96
N LEU A 13 -4.47 20.88 -21.71
CA LEU A 13 -3.64 21.51 -20.69
C LEU A 13 -3.88 20.91 -19.31
N LEU A 14 -5.11 20.46 -19.05
CA LEU A 14 -5.41 19.81 -17.78
C LEU A 14 -5.03 18.35 -17.78
N SER A 15 -5.17 17.67 -18.92
CA SER A 15 -4.78 16.27 -19.00
C SER A 15 -3.28 16.10 -18.78
N VAL A 16 -2.47 17.01 -19.34
CA VAL A 16 -1.03 16.86 -19.19
C VAL A 16 -0.57 17.16 -17.77
N ILE A 17 -1.22 18.13 -17.09
CA ILE A 17 -0.84 18.40 -15.71
C ILE A 17 -1.45 17.40 -14.74
N GLY A 18 -2.46 16.65 -15.17
CA GLY A 18 -2.93 15.52 -14.40
C GLY A 18 -1.98 14.35 -14.53
N TYR A 19 -1.47 14.16 -15.75
CA TYR A 19 -0.47 13.12 -15.97
C TYR A 19 0.84 13.42 -15.24
N ALA A 20 1.19 14.70 -15.11
CA ALA A 20 2.47 15.07 -14.51
C ALA A 20 2.56 14.62 -13.07
N VAL A 21 1.67 15.13 -12.22
CA VAL A 21 1.70 14.83 -10.79
C VAL A 21 0.95 13.51 -10.54
N ASP A 22 1.71 12.45 -10.25
CA ASP A 22 1.09 11.15 -9.99
C ASP A 22 1.33 10.66 -8.55
N LEU A 23 2.58 10.38 -8.17
CA LEU A 23 2.87 10.01 -6.78
C LEU A 23 4.16 10.61 -6.24
N GLY A 24 5.11 10.98 -7.09
CA GLY A 24 6.34 11.60 -6.63
C GLY A 24 6.00 12.86 -5.88
N ASN A 25 5.27 13.76 -6.53
CA ASN A 25 4.95 15.04 -5.93
C ASN A 25 4.11 14.89 -4.66
N VAL A 26 3.50 13.74 -4.42
CA VAL A 26 2.66 13.61 -3.23
C VAL A 26 3.38 12.94 -2.06
N TRP A 27 4.29 12.00 -2.31
CA TRP A 27 5.01 11.49 -1.14
C TRP A 27 6.53 11.53 -1.26
N ARG A 28 7.06 11.39 -2.47
CA ARG A 28 8.51 11.19 -2.60
C ARG A 28 9.26 12.52 -2.58
N PHE A 29 8.64 13.59 -3.07
CA PHE A 29 9.34 14.87 -3.07
C PHE A 29 9.68 15.39 -1.68
N PRO A 30 8.78 15.35 -0.68
CA PRO A 30 9.22 15.76 0.66
C PRO A 30 10.18 14.76 1.30
N TYR A 31 9.93 13.45 1.12
CA TYR A 31 10.83 12.45 1.68
C TYR A 31 12.21 12.53 1.06
N ILE A 32 12.31 12.89 -0.22
CA ILE A 32 13.61 13.10 -0.85
C ILE A 32 14.11 14.52 -0.65
N CYS A 33 13.28 15.42 -0.11
CA CYS A 33 13.63 16.82 0.08
C CYS A 33 14.02 17.12 1.52
N TYR A 34 13.88 16.16 2.43
CA TYR A 34 14.38 16.38 3.78
C TYR A 34 15.67 15.59 4.01
N GLN A 35 15.79 14.44 3.35
CA GLN A 35 17.02 13.68 3.44
C GLN A 35 18.18 14.43 2.81
N ASN A 36 17.91 15.17 1.73
CA ASN A 36 18.93 15.95 1.03
C ASN A 36 18.80 17.42 1.41
N GLY A 37 19.28 17.74 2.62
CA GLY A 37 19.34 19.11 3.06
C GLY A 37 18.04 19.67 3.60
N GLY A 38 17.10 19.96 2.72
CA GLY A 38 15.84 20.58 3.12
C GLY A 38 15.60 21.91 2.46
N GLY A 39 16.64 22.74 2.38
CA GLY A 39 16.57 23.99 1.66
C GLY A 39 17.59 24.02 0.55
N ALA A 40 18.66 23.24 0.71
CA ALA A 40 19.68 23.05 -0.30
C ALA A 40 19.28 22.02 -1.33
N PHE A 41 18.00 21.65 -1.40
CA PHE A 41 17.49 20.76 -2.43
C PHE A 41 16.64 21.46 -3.47
N LEU A 42 15.98 22.57 -3.11
CA LEU A 42 15.15 23.28 -4.07
C LEU A 42 16.00 23.93 -5.17
N LEU A 43 17.22 24.36 -4.83
CA LEU A 43 18.09 24.92 -5.87
C LEU A 43 18.57 23.85 -6.85
N PRO A 44 19.09 22.70 -6.42
CA PRO A 44 19.39 21.64 -7.38
C PRO A 44 18.15 20.96 -7.93
N TYR A 45 16.96 21.33 -7.46
CA TYR A 45 15.73 20.89 -8.11
C TYR A 45 15.39 21.81 -9.28
N THR A 46 15.47 23.12 -9.06
CA THR A 46 15.11 24.07 -10.10
C THR A 46 16.17 24.11 -11.21
N ILE A 47 17.45 24.22 -10.83
CA ILE A 47 18.50 24.29 -11.83
C ILE A 47 18.78 22.96 -12.50
N MET A 48 18.13 21.88 -12.05
CA MET A 48 18.11 20.62 -12.78
C MET A 48 16.86 20.47 -13.63
N ALA A 49 15.72 20.97 -13.15
CA ALA A 49 14.51 20.99 -13.96
C ALA A 49 14.73 21.78 -15.23
N ILE A 50 15.07 23.07 -15.07
CA ILE A 50 15.23 23.97 -16.22
C ILE A 50 16.25 23.45 -17.23
N PHE A 51 17.15 22.56 -16.81
CA PHE A 51 18.19 22.06 -17.70
C PHE A 51 17.90 20.69 -18.27
N GLY A 52 17.09 19.86 -17.61
CA GLY A 52 16.94 18.51 -18.10
C GLY A 52 15.53 17.94 -18.16
N GLY A 53 14.54 18.66 -17.63
CA GLY A 53 13.19 18.13 -17.65
C GLY A 53 12.22 18.97 -18.46
N ILE A 54 12.42 20.28 -18.46
CA ILE A 54 11.55 21.20 -19.19
C ILE A 54 11.92 21.20 -20.67
N PRO A 55 13.20 21.25 -21.05
CA PRO A 55 13.52 21.12 -22.48
C PRO A 55 13.05 19.81 -23.09
N LEU A 56 13.21 18.70 -22.37
CA LEU A 56 12.70 17.42 -22.88
C LEU A 56 11.19 17.45 -23.00
N PHE A 57 10.50 18.05 -22.03
CA PHE A 57 9.05 18.18 -22.09
C PHE A 57 8.63 18.94 -23.34
N TYR A 58 9.24 20.11 -23.57
CA TYR A 58 8.89 20.92 -24.72
C TYR A 58 9.26 20.23 -26.03
N MET A 59 10.36 19.48 -26.05
CA MET A 59 10.73 18.75 -27.26
C MET A 59 9.69 17.67 -27.56
N GLU A 60 9.27 16.92 -26.54
CA GLU A 60 8.24 15.91 -26.74
C GLU A 60 6.96 16.53 -27.27
N LEU A 61 6.53 17.63 -26.65
CA LEU A 61 5.28 18.26 -27.07
C LEU A 61 5.37 18.79 -28.50
N ALA A 62 6.46 19.48 -28.84
CA ALA A 62 6.60 20.03 -30.18
C ALA A 62 6.69 18.91 -31.22
N LEU A 63 7.42 17.84 -30.91
CA LEU A 63 7.52 16.71 -31.82
C LEU A 63 6.15 16.08 -32.08
N GLY A 64 5.43 15.76 -31.00
CA GLY A 64 4.12 15.17 -31.16
C GLY A 64 3.13 16.08 -31.84
N GLN A 65 3.27 17.39 -31.66
CA GLN A 65 2.32 18.32 -32.27
C GLN A 65 2.62 18.58 -33.74
N TYR A 66 3.90 18.52 -34.15
CA TYR A 66 4.20 18.72 -35.55
C TYR A 66 3.98 17.43 -36.35
N HIS A 67 4.50 16.31 -35.86
CA HIS A 67 4.42 15.08 -36.65
C HIS A 67 3.04 14.45 -36.56
N ARG A 68 2.40 14.53 -35.40
CA ARG A 68 1.04 14.02 -35.21
C ARG A 68 0.93 12.56 -35.63
N ASN A 69 1.88 11.74 -35.15
CA ASN A 69 1.89 10.35 -35.57
C ASN A 69 2.22 9.38 -34.42
N GLY A 70 1.95 9.77 -33.18
CA GLY A 70 2.10 8.83 -32.09
C GLY A 70 3.54 8.67 -31.63
N CYS A 71 3.85 7.46 -31.15
CA CYS A 71 5.15 7.15 -30.57
C CYS A 71 5.94 6.11 -31.35
N ILE A 72 5.30 5.03 -31.79
CA ILE A 72 6.01 3.97 -32.49
C ILE A 72 6.05 4.21 -34.00
N SER A 73 5.05 4.89 -34.55
CA SER A 73 5.02 5.17 -35.98
C SER A 73 5.67 6.50 -36.35
N ILE A 74 6.04 7.32 -35.35
CA ILE A 74 6.73 8.56 -35.63
C ILE A 74 8.18 8.31 -36.04
N TRP A 75 8.72 7.14 -35.72
CA TRP A 75 10.11 6.86 -36.05
C TRP A 75 10.30 6.63 -37.54
N ARG A 76 9.27 6.16 -38.24
CA ARG A 76 9.35 6.10 -39.69
C ARG A 76 9.40 7.48 -40.31
N LYS A 77 9.10 8.53 -39.55
CA LYS A 77 9.28 9.91 -40.00
C LYS A 77 10.47 10.59 -39.36
N ILE A 78 11.08 9.99 -38.34
CA ILE A 78 12.27 10.54 -37.69
C ILE A 78 13.51 9.73 -38.05
N CYS A 79 13.55 8.46 -37.66
CA CYS A 79 14.68 7.57 -37.92
C CYS A 79 14.20 6.13 -37.99
N PRO A 80 14.33 5.48 -39.15
CA PRO A 80 13.72 4.14 -39.30
C PRO A 80 14.29 3.10 -38.34
N ILE A 81 15.59 3.08 -38.10
CA ILE A 81 16.17 2.05 -37.26
C ILE A 81 15.72 2.14 -35.82
N PHE A 82 15.32 3.32 -35.36
CA PHE A 82 14.91 3.51 -33.97
C PHE A 82 13.44 3.21 -33.76
N LYS A 83 12.81 2.46 -34.66
CA LYS A 83 11.41 2.09 -34.49
C LYS A 83 11.19 1.11 -33.35
N GLY A 84 12.26 0.51 -32.83
CA GLY A 84 12.12 -0.36 -31.67
C GLY A 84 11.80 0.37 -30.39
N ILE A 85 11.94 1.70 -30.36
CA ILE A 85 11.59 2.48 -29.19
C ILE A 85 10.11 2.29 -28.86
N GLY A 86 9.26 2.12 -29.86
CA GLY A 86 7.85 1.90 -29.60
C GLY A 86 7.59 0.60 -28.87
N TYR A 87 8.20 -0.49 -29.33
CA TYR A 87 8.01 -1.77 -28.66
C TYR A 87 8.63 -1.74 -27.28
N ALA A 88 9.78 -1.08 -27.12
CA ALA A 88 10.39 -0.95 -25.81
C ALA A 88 9.50 -0.20 -24.85
N ILE A 89 8.89 0.90 -25.31
CA ILE A 89 8.05 1.69 -24.41
C ILE A 89 6.73 0.96 -24.15
N CYS A 90 6.29 0.09 -25.06
CA CYS A 90 5.13 -0.74 -24.75
C CYS A 90 5.44 -1.76 -23.67
N ILE A 91 6.61 -2.42 -23.74
CA ILE A 91 7.01 -3.33 -22.67
C ILE A 91 7.14 -2.58 -21.36
N ILE A 92 7.71 -1.38 -21.41
CA ILE A 92 7.85 -0.55 -20.21
C ILE A 92 6.49 -0.21 -19.63
N ALA A 93 5.54 0.18 -20.47
CA ALA A 93 4.21 0.51 -19.99
C ALA A 93 3.54 -0.71 -19.39
N PHE A 94 3.79 -1.89 -19.96
CA PHE A 94 3.25 -3.11 -19.37
C PHE A 94 3.78 -3.31 -17.95
N TYR A 95 5.11 -3.28 -17.79
CA TYR A 95 5.70 -3.47 -16.47
C TYR A 95 5.21 -2.42 -15.48
N ILE A 96 5.06 -1.17 -15.94
CA ILE A 96 4.78 -0.09 -15.01
C ILE A 96 3.31 -0.04 -14.65
N ALA A 97 2.41 -0.30 -15.60
CA ALA A 97 1.02 -0.48 -15.24
C ALA A 97 0.81 -1.75 -14.44
N SER A 98 1.77 -2.69 -14.49
CA SER A 98 1.73 -3.84 -13.60
C SER A 98 2.01 -3.44 -12.16
N TYR A 99 3.10 -2.70 -11.94
CA TYR A 99 3.49 -2.39 -10.56
C TYR A 99 2.84 -1.13 -10.01
N TYR A 100 2.14 -0.35 -10.84
CA TYR A 100 1.66 0.95 -10.42
C TYR A 100 0.21 0.94 -9.92
N ASN A 101 -0.63 0.06 -10.46
CA ASN A 101 -2.01 0.01 -10.02
C ASN A 101 -2.18 -0.68 -8.67
N THR A 102 -1.14 -1.34 -8.16
CA THR A 102 -1.24 -1.95 -6.84
C THR A 102 -1.34 -0.87 -5.76
N ILE A 103 -0.63 0.24 -5.93
CA ILE A 103 -0.72 1.34 -4.97
C ILE A 103 -2.12 1.94 -4.98
N MET A 104 -2.71 2.08 -6.16
CA MET A 104 -4.10 2.57 -6.24
C MET A 104 -5.06 1.55 -5.63
N ALA A 105 -4.79 0.26 -5.76
CA ALA A 105 -5.62 -0.74 -5.11
C ALA A 105 -5.55 -0.63 -3.60
N TRP A 106 -4.35 -0.43 -3.05
CA TRP A 106 -4.21 -0.21 -1.62
C TRP A 106 -4.95 1.04 -1.17
N ALA A 107 -4.85 2.12 -1.95
CA ALA A 107 -5.55 3.35 -1.60
C ALA A 107 -7.06 3.15 -1.63
N LEU A 108 -7.56 2.43 -2.62
CA LEU A 108 -9.00 2.17 -2.68
C LEU A 108 -9.46 1.28 -1.53
N TYR A 109 -8.60 0.35 -1.10
CA TYR A 109 -8.93 -0.47 0.07
C TYR A 109 -9.01 0.41 1.32
N TYR A 110 -8.04 1.30 1.49
CA TYR A 110 -8.11 2.23 2.62
C TYR A 110 -9.36 3.10 2.55
N LEU A 111 -9.77 3.50 1.35
CA LEU A 111 -10.95 4.32 1.21
C LEU A 111 -12.21 3.55 1.61
N ILE A 112 -12.40 2.36 1.05
CA ILE A 112 -13.59 1.56 1.36
C ILE A 112 -13.54 0.96 2.76
N SER A 113 -12.40 1.03 3.44
CA SER A 113 -12.30 0.54 4.82
C SER A 113 -12.18 1.68 5.83
N SER A 114 -12.53 2.90 5.43
CA SER A 114 -12.50 4.06 6.32
C SER A 114 -13.88 4.66 6.55
N PHE A 115 -14.94 3.99 6.10
CA PHE A 115 -16.29 4.50 6.30
C PHE A 115 -16.77 4.34 7.73
N THR A 116 -16.13 3.48 8.52
CA THR A 116 -16.52 3.31 9.91
C THR A 116 -16.26 4.60 10.70
N ASP A 117 -17.17 4.92 11.61
CA ASP A 117 -17.05 6.15 12.39
C ASP A 117 -15.73 6.19 13.14
N GLN A 118 -15.27 5.05 13.65
CA GLN A 118 -13.96 4.94 14.29
C GLN A 118 -13.01 4.26 13.32
N LEU A 119 -12.01 5.00 12.87
CA LEU A 119 -11.06 4.45 11.90
C LEU A 119 -10.27 3.31 12.53
N PRO A 120 -10.00 2.23 11.77
CA PRO A 120 -9.23 1.09 12.28
C PRO A 120 -7.71 1.34 12.30
N TRP A 121 -7.30 2.50 12.82
CA TRP A 121 -5.90 2.82 12.98
C TRP A 121 -5.57 3.33 14.37
N THR A 122 -6.56 3.56 15.23
CA THR A 122 -6.34 4.04 16.58
C THR A 122 -6.27 2.92 17.61
N SER A 123 -7.12 1.90 17.46
CA SER A 123 -7.17 0.79 18.41
C SER A 123 -6.15 -0.27 17.99
N CYS A 124 -6.24 -1.46 18.60
CA CYS A 124 -5.30 -2.53 18.31
C CYS A 124 -6.06 -3.85 18.46
N LYS A 125 -6.62 -4.33 17.34
CA LYS A 125 -7.55 -5.45 17.29
C LYS A 125 -6.85 -6.72 16.79
N ASN A 126 -7.67 -7.73 16.45
CA ASN A 126 -7.20 -9.10 16.24
C ASN A 126 -6.04 -9.18 15.25
N SER A 127 -6.27 -8.79 14.02
CA SER A 127 -5.24 -8.97 13.00
C SER A 127 -4.05 -8.05 13.18
N TRP A 128 -3.99 -7.32 14.28
CA TRP A 128 -2.93 -6.34 14.52
C TRP A 128 -2.30 -6.66 15.88
N ASN A 129 -1.11 -7.26 15.81
CA ASN A 129 -0.44 -7.77 17.00
C ASN A 129 -0.35 -6.73 18.09
N THR A 130 -0.48 -7.18 19.34
CA THR A 130 -0.38 -6.32 20.50
C THR A 130 1.00 -6.38 21.17
N GLY A 131 1.72 -7.50 21.00
CA GLY A 131 3.04 -7.60 21.59
C GLY A 131 4.01 -6.56 21.10
N ASN A 132 3.84 -6.09 19.86
CA ASN A 132 4.65 -5.01 19.31
C ASN A 132 3.79 -3.79 18.94
N CYS A 133 2.60 -3.70 19.52
CA CYS A 133 1.68 -2.60 19.29
C CYS A 133 2.08 -1.42 20.17
N THR A 134 1.18 -0.46 20.33
CA THR A 134 1.20 0.64 21.30
C THR A 134 2.14 1.78 20.92
N ASN A 135 2.85 1.70 19.79
CA ASN A 135 3.77 2.80 19.48
C ASN A 135 3.04 4.07 19.02
N TYR A 136 1.72 4.11 19.08
CA TYR A 136 0.99 5.34 18.75
C TYR A 136 1.23 6.38 19.84
N PHE A 137 1.45 7.62 19.40
CA PHE A 137 1.85 8.69 20.30
C PHE A 137 0.72 9.21 21.18
N SER A 138 -0.52 8.78 20.94
CA SER A 138 -1.66 9.25 21.72
C SER A 138 -1.71 8.53 23.08
N GLU A 139 -0.64 8.72 23.85
CA GLU A 139 -0.51 8.10 25.16
C GLU A 139 0.25 9.04 26.09
N ASP A 140 -0.17 9.08 27.35
CA ASP A 140 0.45 9.98 28.31
C ASP A 140 1.78 9.45 28.81
N ASN A 141 1.88 8.14 29.03
CA ASN A 141 3.11 7.56 29.53
C ASN A 141 4.20 7.60 28.46
N ILE A 142 5.45 7.51 28.91
CA ILE A 142 6.60 7.58 28.03
C ILE A 142 7.18 6.18 27.76
N THR A 143 6.38 5.14 27.94
CA THR A 143 6.83 3.78 27.67
C THR A 143 7.09 3.60 26.18
N TRP A 144 8.29 3.13 25.84
CA TRP A 144 8.67 2.96 24.45
C TRP A 144 9.69 1.84 24.34
N THR A 145 9.72 1.20 23.17
CA THR A 145 10.64 0.11 22.91
C THR A 145 10.98 0.11 21.42
N LEU A 146 12.25 -0.20 21.11
CA LEU A 146 12.70 -0.18 19.72
C LEU A 146 11.99 -1.22 18.85
N HIS A 147 11.29 -2.18 19.45
CA HIS A 147 10.55 -3.18 18.70
C HIS A 147 9.08 -2.84 18.49
N SER A 148 8.56 -1.87 19.22
CA SER A 148 7.14 -1.54 19.12
C SER A 148 6.83 -0.90 17.78
N THR A 149 5.67 -1.24 17.23
CA THR A 149 5.20 -0.70 15.95
C THR A 149 3.83 -0.06 16.14
N SER A 150 3.63 1.08 15.49
CA SER A 150 2.38 1.79 15.62
C SER A 150 1.23 0.99 15.01
N PRO A 151 0.00 1.18 15.47
CA PRO A 151 -1.13 0.42 14.92
C PRO A 151 -1.34 0.63 13.44
N ALA A 152 -0.99 1.80 12.91
CA ALA A 152 -1.12 2.02 11.47
C ALA A 152 -0.15 1.16 10.69
N GLU A 153 1.06 0.95 11.23
CA GLU A 153 2.02 0.08 10.56
C GLU A 153 1.52 -1.36 10.53
N GLU A 154 0.92 -1.83 11.63
CA GLU A 154 0.35 -3.17 11.63
C GLU A 154 -0.86 -3.25 10.71
N PHE A 155 -1.61 -2.16 10.57
CA PHE A 155 -2.73 -2.17 9.63
C PHE A 155 -2.24 -2.24 8.18
N TYR A 156 -1.11 -1.60 7.91
CA TYR A 156 -0.60 -1.61 6.54
C TYR A 156 0.12 -2.90 6.20
N THR A 157 0.78 -3.55 7.17
CA THR A 157 1.56 -4.74 6.88
C THR A 157 0.93 -6.03 7.41
N ARG A 158 -0.32 -5.97 7.89
CA ARG A 158 -0.97 -7.18 8.35
C ARG A 158 -2.42 -7.32 7.90
N HIS A 159 -3.07 -6.27 7.42
CA HIS A 159 -4.45 -6.36 6.97
C HIS A 159 -4.60 -6.18 5.47
N VAL A 160 -4.07 -5.10 4.91
CA VAL A 160 -4.17 -4.89 3.47
C VAL A 160 -3.13 -5.71 2.72
N LEU A 161 -1.89 -5.73 3.23
CA LEU A 161 -0.82 -6.46 2.57
C LEU A 161 -0.75 -7.91 2.99
N GLN A 162 -1.04 -8.18 4.27
CA GLN A 162 -0.87 -9.51 4.85
C GLN A 162 0.54 -10.04 4.61
N ILE A 163 1.51 -9.12 4.71
CA ILE A 163 2.90 -9.45 4.41
C ILE A 163 3.52 -10.37 5.45
N HIS A 164 2.85 -10.58 6.59
CA HIS A 164 3.36 -11.51 7.59
C HIS A 164 3.26 -12.96 7.12
N ARG A 165 2.44 -13.24 6.11
CA ARG A 165 2.28 -14.57 5.56
C ARG A 165 3.19 -14.84 4.37
N SER A 166 4.25 -14.06 4.20
CA SER A 166 5.18 -14.24 3.10
C SER A 166 6.59 -13.93 3.60
N LYS A 167 7.47 -14.93 3.56
CA LYS A 167 8.83 -14.76 4.03
C LYS A 167 9.74 -14.07 3.01
N GLY A 168 9.17 -13.50 1.95
CA GLY A 168 9.92 -12.78 0.96
C GLY A 168 9.60 -13.28 -0.43
N LEU A 169 10.54 -13.06 -1.36
CA LEU A 169 10.35 -13.53 -2.73
C LEU A 169 10.48 -15.04 -2.84
N GLN A 170 10.92 -15.73 -1.79
CA GLN A 170 11.04 -17.18 -1.87
C GLN A 170 9.67 -17.85 -1.93
N ASP A 171 8.67 -17.28 -1.27
CA ASP A 171 7.30 -17.78 -1.35
C ASP A 171 6.34 -16.63 -1.15
N LEU A 172 5.36 -16.53 -2.05
CA LEU A 172 4.37 -15.46 -2.00
C LEU A 172 2.98 -15.98 -2.35
N GLY A 173 2.74 -17.27 -2.12
CA GLY A 173 1.47 -17.87 -2.49
C GLY A 173 0.30 -17.25 -1.75
N GLY A 174 -0.88 -17.43 -2.33
CA GLY A 174 -2.09 -16.86 -1.79
C GLY A 174 -2.34 -15.45 -2.31
N ILE A 175 -3.51 -15.24 -2.91
CA ILE A 175 -3.87 -13.95 -3.49
C ILE A 175 -4.92 -13.28 -2.61
N SER A 176 -4.75 -11.99 -2.38
CA SER A 176 -5.68 -11.22 -1.57
C SER A 176 -6.95 -10.97 -2.39
N TRP A 177 -8.00 -11.77 -2.13
CA TRP A 177 -9.25 -11.59 -2.85
C TRP A 177 -9.84 -10.21 -2.61
N GLN A 178 -9.72 -9.71 -1.38
CA GLN A 178 -10.22 -8.38 -1.06
C GLN A 178 -9.48 -7.29 -1.83
N LEU A 179 -8.28 -7.58 -2.31
CA LEU A 179 -7.57 -6.69 -3.23
C LEU A 179 -7.72 -7.12 -4.68
N ALA A 180 -7.91 -8.42 -4.93
CA ALA A 180 -8.10 -8.89 -6.30
C ALA A 180 -9.38 -8.30 -6.89
N LEU A 181 -10.45 -8.24 -6.12
CA LEU A 181 -11.68 -7.60 -6.58
C LEU A 181 -11.66 -6.09 -6.36
N CYS A 182 -10.61 -5.56 -5.74
CA CYS A 182 -10.48 -4.12 -5.55
C CYS A 182 -9.74 -3.46 -6.71
N ILE A 183 -8.73 -4.14 -7.25
CA ILE A 183 -8.03 -3.62 -8.43
C ILE A 183 -8.83 -3.85 -9.69
N MET A 184 -9.77 -4.80 -9.69
CA MET A 184 -10.63 -5.01 -10.85
C MET A 184 -11.53 -3.81 -11.07
N LEU A 185 -12.02 -3.19 -10.00
CA LEU A 185 -12.82 -1.98 -10.13
C LEU A 185 -11.99 -0.84 -10.70
N ILE A 186 -10.73 -0.72 -10.29
CA ILE A 186 -9.88 0.34 -10.81
C ILE A 186 -9.59 0.12 -12.28
N PHE A 187 -9.33 -1.13 -12.68
CA PHE A 187 -9.10 -1.40 -14.10
C PHE A 187 -10.38 -1.21 -14.92
N THR A 188 -11.54 -1.47 -14.32
CA THR A 188 -12.80 -1.18 -14.99
C THR A 188 -12.96 0.33 -15.21
N VAL A 189 -12.63 1.13 -14.20
CA VAL A 189 -12.66 2.58 -14.36
C VAL A 189 -11.69 3.01 -15.45
N ILE A 190 -10.51 2.39 -15.49
CA ILE A 190 -9.51 2.74 -16.50
C ILE A 190 -10.03 2.45 -17.90
N TYR A 191 -10.60 1.25 -18.09
CA TYR A 191 -11.11 0.88 -19.41
C TYR A 191 -12.29 1.74 -19.81
N PHE A 192 -13.18 2.06 -18.85
CA PHE A 192 -14.32 2.91 -19.15
C PHE A 192 -13.95 4.39 -19.23
N SER A 193 -12.71 4.74 -18.90
CA SER A 193 -12.21 6.09 -19.17
C SER A 193 -11.45 6.20 -20.48
N ILE A 194 -10.78 5.14 -20.92
CA ILE A 194 -10.03 5.20 -22.17
C ILE A 194 -10.61 4.24 -23.21
N TRP A 195 -11.90 3.96 -23.12
CA TRP A 195 -12.55 3.06 -24.06
C TRP A 195 -13.04 3.76 -25.30
N LYS A 196 -12.88 5.08 -25.39
CA LYS A 196 -13.27 5.85 -26.56
C LYS A 196 -12.14 6.70 -27.13
N GLY A 197 -10.97 6.67 -26.52
CA GLY A 197 -9.85 7.43 -27.03
C GLY A 197 -9.54 8.66 -26.20
N VAL A 198 -9.91 9.83 -26.72
CA VAL A 198 -9.65 11.08 -26.03
C VAL A 198 -10.92 11.87 -25.72
N LYS A 199 -12.01 11.66 -26.46
CA LYS A 199 -13.24 12.41 -26.23
C LYS A 199 -13.81 12.20 -24.83
N THR A 200 -13.46 11.09 -24.18
CA THR A 200 -13.84 10.85 -22.80
C THR A 200 -12.67 10.89 -21.83
N SER A 201 -11.47 10.52 -22.29
CA SER A 201 -10.28 10.64 -21.45
C SER A 201 -9.91 12.08 -21.17
N GLY A 202 -10.50 13.04 -21.90
CA GLY A 202 -10.30 14.44 -21.59
C GLY A 202 -11.37 14.96 -20.66
N LYS A 203 -12.60 14.48 -20.83
CA LYS A 203 -13.69 14.92 -19.97
C LYS A 203 -13.56 14.34 -18.56
N VAL A 204 -12.98 13.14 -18.43
CA VAL A 204 -12.75 12.59 -17.11
C VAL A 204 -11.71 13.40 -16.35
N VAL A 205 -10.74 13.98 -17.05
CA VAL A 205 -9.70 14.76 -16.41
C VAL A 205 -10.28 16.03 -15.77
N TRP A 206 -11.35 16.58 -16.34
CA TRP A 206 -12.00 17.76 -15.77
C TRP A 206 -12.43 17.56 -14.32
N VAL A 207 -12.53 16.32 -13.86
CA VAL A 207 -12.85 16.05 -12.45
C VAL A 207 -11.80 15.21 -11.76
N THR A 208 -10.96 14.46 -12.49
CA THR A 208 -9.96 13.62 -11.87
C THR A 208 -8.64 14.34 -11.61
N ALA A 209 -8.34 15.40 -12.37
CA ALA A 209 -7.05 16.07 -12.26
C ALA A 209 -7.10 17.39 -11.49
N THR A 210 -8.27 17.99 -11.33
CA THR A 210 -8.39 19.23 -10.56
C THR A 210 -8.93 19.02 -9.16
N PHE A 211 -9.39 17.81 -8.85
CA PHE A 211 -9.95 17.44 -7.55
C PHE A 211 -8.84 17.24 -6.52
N PRO A 212 -7.71 16.61 -6.87
CA PRO A 212 -6.58 16.59 -5.93
C PRO A 212 -6.16 17.96 -5.42
N TYR A 213 -6.25 19.01 -6.25
CA TYR A 213 -5.87 20.34 -5.78
C TYR A 213 -6.91 20.88 -4.80
N ILE A 214 -8.20 20.66 -5.07
CA ILE A 214 -9.25 21.10 -4.16
C ILE A 214 -9.10 20.41 -2.82
N ILE A 215 -8.63 19.16 -2.81
CA ILE A 215 -8.43 18.48 -1.54
C ILE A 215 -7.13 18.90 -0.87
N LEU A 216 -6.09 19.17 -1.67
CA LEU A 216 -4.82 19.59 -1.11
C LEU A 216 -4.92 20.96 -0.45
N SER A 217 -5.79 21.83 -0.96
CA SER A 217 -5.98 23.14 -0.33
C SER A 217 -6.50 22.99 1.09
N VAL A 218 -7.57 22.22 1.28
CA VAL A 218 -8.15 22.08 2.62
C VAL A 218 -7.22 21.26 3.51
N LEU A 219 -6.49 20.28 2.96
CA LEU A 219 -5.55 19.55 3.79
C LEU A 219 -4.40 20.44 4.25
N LEU A 220 -3.94 21.35 3.38
CA LEU A 220 -2.90 22.29 3.77
C LEU A 220 -3.40 23.25 4.84
N VAL A 221 -4.65 23.71 4.71
CA VAL A 221 -5.23 24.57 5.74
C VAL A 221 -5.27 23.84 7.08
N ARG A 222 -5.76 22.59 7.07
CA ARG A 222 -5.86 21.83 8.31
C ARG A 222 -4.48 21.55 8.90
N GLY A 223 -3.49 21.31 8.05
CA GLY A 223 -2.15 21.06 8.56
C GLY A 223 -1.51 22.29 9.16
N ALA A 224 -1.71 23.45 8.53
CA ALA A 224 -1.19 24.69 9.09
C ALA A 224 -1.91 25.05 10.39
N THR A 225 -3.19 24.68 10.51
CA THR A 225 -3.91 24.93 11.74
C THR A 225 -3.42 24.05 12.90
N LEU A 226 -2.73 22.95 12.59
CA LEU A 226 -2.40 21.95 13.58
C LEU A 226 -1.45 22.52 14.64
N PRO A 227 -1.53 22.02 15.88
CA PRO A 227 -0.65 22.50 16.95
C PRO A 227 0.76 21.97 16.85
N GLY A 228 1.61 22.64 16.07
CA GLY A 228 2.96 22.17 15.84
C GLY A 228 3.32 22.12 14.37
N ALA A 229 2.65 22.97 13.58
CA ALA A 229 2.93 23.06 12.16
C ALA A 229 4.32 23.63 11.90
N TRP A 230 4.64 24.75 12.55
CA TRP A 230 5.88 25.45 12.25
C TRP A 230 7.11 24.60 12.58
N ARG A 231 7.02 23.77 13.62
CA ARG A 231 8.14 22.89 13.96
C ARG A 231 8.47 21.91 12.84
N GLY A 232 7.54 21.66 11.93
CA GLY A 232 7.80 20.81 10.80
C GLY A 232 8.11 21.60 9.53
N VAL A 233 7.41 22.72 9.34
CA VAL A 233 7.67 23.53 8.15
C VAL A 233 9.06 24.12 8.18
N LEU A 234 9.56 24.48 9.37
CA LEU A 234 10.92 25.01 9.47
C LEU A 234 11.95 23.97 9.05
N PHE A 235 11.76 22.72 9.49
CA PHE A 235 12.66 21.65 9.06
C PHE A 235 12.52 21.37 7.58
N TYR A 236 11.31 21.52 7.02
CA TYR A 236 11.12 21.34 5.60
C TYR A 236 11.84 22.41 4.80
N LEU A 237 11.94 23.62 5.37
CA LEU A 237 12.58 24.74 4.69
C LEU A 237 13.92 25.11 5.34
N LYS A 238 14.57 24.18 6.02
CA LYS A 238 15.87 24.46 6.64
C LYS A 238 16.99 24.00 5.72
N PRO A 239 17.84 24.89 5.24
CA PRO A 239 18.89 24.48 4.31
C PRO A 239 20.10 23.92 5.03
N ASN A 240 20.68 22.87 4.45
CA ASN A 240 21.93 22.26 4.91
C ASN A 240 22.87 22.23 3.71
N TRP A 241 23.62 23.32 3.52
CA TRP A 241 24.51 23.42 2.38
C TRP A 241 25.63 22.39 2.40
N GLN A 242 25.93 21.80 3.55
CA GLN A 242 26.94 20.76 3.61
C GLN A 242 26.46 19.47 2.95
N LYS A 243 25.16 19.32 2.74
CA LYS A 243 24.62 18.18 2.02
C LYS A 243 24.67 18.37 0.51
N LEU A 244 24.62 19.62 0.05
CA LEU A 244 24.67 19.90 -1.38
C LEU A 244 26.03 19.56 -1.99
N LEU A 245 27.08 19.44 -1.17
CA LEU A 245 28.39 19.10 -1.70
C LEU A 245 28.41 17.69 -2.29
N GLU A 246 27.76 16.75 -1.62
CA GLU A 246 27.73 15.38 -2.11
C GLU A 246 26.90 15.28 -3.39
N THR A 247 27.34 14.42 -4.31
CA THR A 247 26.63 14.23 -5.57
C THR A 247 25.31 13.50 -5.40
N GLY A 248 25.05 12.93 -4.22
CA GLY A 248 23.80 12.24 -4.00
C GLY A 248 22.59 13.14 -4.14
N VAL A 249 22.71 14.39 -3.65
CA VAL A 249 21.60 15.34 -3.78
C VAL A 249 21.31 15.64 -5.24
N TRP A 250 22.36 15.79 -6.06
CA TRP A 250 22.15 16.09 -7.47
C TRP A 250 21.56 14.90 -8.20
N ILE A 251 22.05 13.70 -7.90
CA ILE A 251 21.49 12.50 -8.52
C ILE A 251 20.02 12.35 -8.17
N ASP A 252 19.69 12.52 -6.89
CA ASP A 252 18.30 12.37 -6.47
C ASP A 252 17.42 13.44 -7.09
N ALA A 253 17.92 14.68 -7.18
CA ALA A 253 17.12 15.75 -7.78
C ALA A 253 16.87 15.48 -9.26
N ALA A 254 17.90 15.04 -9.99
CA ALA A 254 17.73 14.73 -11.40
C ALA A 254 16.73 13.60 -11.60
N ALA A 255 16.88 12.51 -10.84
CA ALA A 255 15.96 11.39 -10.96
C ALA A 255 14.53 11.83 -10.63
N GLN A 256 14.37 12.62 -9.58
CA GLN A 256 13.03 13.04 -9.17
C GLN A 256 12.39 13.92 -10.23
N ILE A 257 13.13 14.89 -10.75
CA ILE A 257 12.54 15.80 -11.73
C ILE A 257 12.22 15.06 -13.03
N PHE A 258 13.07 14.11 -13.43
CA PHE A 258 12.79 13.37 -14.66
C PHE A 258 11.58 12.48 -14.49
N PHE A 259 11.54 11.69 -13.41
CA PHE A 259 10.43 10.78 -13.20
C PHE A 259 9.20 11.47 -12.61
N SER A 260 9.24 12.79 -12.42
CA SER A 260 8.03 13.55 -12.13
C SER A 260 7.47 14.26 -13.34
N LEU A 261 8.33 14.78 -14.22
CA LEU A 261 7.84 15.37 -15.46
C LEU A 261 7.52 14.30 -16.51
N GLY A 262 8.25 13.19 -16.49
CA GLY A 262 8.02 12.08 -17.38
C GLY A 262 8.07 12.43 -18.85
N PRO A 263 9.25 12.85 -19.34
CA PRO A 263 9.39 13.10 -20.78
C PRO A 263 9.94 11.89 -21.52
N GLY A 264 9.40 11.67 -22.71
CA GLY A 264 9.89 10.61 -23.57
C GLY A 264 9.32 9.23 -23.31
N PHE A 265 8.32 9.11 -22.44
CA PHE A 265 7.72 7.81 -22.14
C PHE A 265 6.61 7.45 -23.11
N GLY A 266 6.58 8.04 -24.29
CA GLY A 266 5.60 7.69 -25.30
C GLY A 266 4.18 8.10 -24.95
N VAL A 267 4.02 9.08 -24.07
CA VAL A 267 2.70 9.57 -23.69
C VAL A 267 2.52 11.04 -24.04
N LEU A 268 3.55 11.87 -23.84
CA LEU A 268 3.48 13.25 -24.28
C LEU A 268 3.38 13.33 -25.80
N LEU A 269 4.05 12.40 -26.51
CA LEU A 269 3.91 12.31 -27.95
C LEU A 269 2.46 12.01 -28.33
N ALA A 270 1.85 11.02 -27.67
CA ALA A 270 0.48 10.65 -28.00
C ALA A 270 -0.50 11.75 -27.65
N PHE A 271 -0.19 12.57 -26.66
CA PHE A 271 -1.07 13.68 -26.31
C PHE A 271 -0.94 14.83 -27.30
N ALA A 272 0.30 15.26 -27.58
CA ALA A 272 0.49 16.32 -28.54
C ALA A 272 0.09 15.91 -29.95
N SER A 273 -0.02 14.61 -30.22
CA SER A 273 -0.44 14.13 -31.53
C SER A 273 -1.94 14.25 -31.75
N TYR A 274 -2.67 14.87 -30.83
CA TYR A 274 -4.12 15.01 -30.94
C TYR A 274 -4.57 16.45 -31.16
N ASN A 275 -3.93 17.43 -30.52
CA ASN A 275 -4.38 18.80 -30.66
C ASN A 275 -4.06 19.34 -32.05
N LYS A 276 -4.58 20.52 -32.35
CA LYS A 276 -4.47 21.10 -33.68
C LYS A 276 -3.02 21.45 -33.99
N PHE A 277 -2.78 21.81 -35.25
CA PHE A 277 -1.42 22.12 -35.70
C PHE A 277 -0.94 23.44 -35.11
N ASN A 278 -1.70 24.52 -35.35
CA ASN A 278 -1.30 25.86 -34.92
C ASN A 278 -1.46 26.09 -33.42
N ASN A 279 -1.71 25.06 -32.63
CA ASN A 279 -1.82 25.22 -31.19
C ASN A 279 -0.48 25.65 -30.60
N ASN A 280 -0.54 26.47 -29.55
CA ASN A 280 0.65 26.99 -28.90
C ASN A 280 1.27 25.88 -28.06
N CYS A 281 2.26 25.20 -28.62
CA CYS A 281 2.94 24.08 -27.95
C CYS A 281 4.04 24.55 -27.01
N TYR A 282 4.14 25.85 -26.75
CA TYR A 282 5.14 26.41 -25.83
C TYR A 282 4.52 26.90 -24.54
N GLN A 283 3.40 27.62 -24.61
CA GLN A 283 2.74 28.13 -23.41
C GLN A 283 2.06 27.03 -22.61
N ASP A 284 1.96 25.81 -23.14
CA ASP A 284 1.47 24.67 -22.38
C ASP A 284 2.57 23.73 -21.93
N ALA A 285 3.73 23.75 -22.59
CA ALA A 285 4.89 23.00 -22.13
C ALA A 285 5.70 23.77 -21.10
N LEU A 286 5.51 25.08 -21.00
CA LEU A 286 6.19 25.87 -19.98
C LEU A 286 5.36 26.03 -18.72
N VAL A 287 4.06 25.82 -18.78
CA VAL A 287 3.22 25.95 -17.58
C VAL A 287 3.06 24.62 -16.87
N THR A 288 3.11 23.49 -17.60
CA THR A 288 2.93 22.20 -16.97
C THR A 288 4.05 21.88 -16.00
N SER A 289 5.29 22.21 -16.37
CA SER A 289 6.43 21.94 -15.49
C SER A 289 6.34 22.75 -14.21
N VAL A 290 6.02 24.04 -14.32
CA VAL A 290 5.95 24.87 -13.12
C VAL A 290 4.74 24.49 -12.27
N VAL A 291 3.65 24.04 -12.89
CA VAL A 291 2.51 23.57 -12.11
C VAL A 291 2.87 22.29 -11.36
N ASN A 292 3.60 21.38 -12.00
CA ASN A 292 4.05 20.18 -11.31
C ASN A 292 4.97 20.51 -10.15
N CYS A 293 5.90 21.45 -10.36
CA CYS A 293 6.81 21.83 -9.29
C CYS A 293 6.08 22.48 -8.13
N MET A 294 5.13 23.38 -8.42
CA MET A 294 4.35 24.02 -7.37
C MET A 294 3.48 23.00 -6.63
N THR A 295 2.96 22.01 -7.35
CA THR A 295 2.19 20.96 -6.71
C THR A 295 3.06 20.14 -5.76
N SER A 296 4.27 19.80 -6.21
CA SER A 296 5.20 19.10 -5.32
C SER A 296 5.53 19.93 -4.09
N PHE A 297 5.71 21.24 -4.27
CA PHE A 297 6.05 22.12 -3.16
C PHE A 297 4.90 22.18 -2.14
N VAL A 298 3.67 22.37 -2.63
CA VAL A 298 2.53 22.45 -1.73
C VAL A 298 2.30 21.12 -1.01
N SER A 299 2.44 20.00 -1.73
CA SER A 299 2.29 18.71 -1.08
C SER A 299 3.40 18.45 -0.08
N GLY A 300 4.60 18.97 -0.33
CA GLY A 300 5.64 18.90 0.67
C GLY A 300 5.27 19.67 1.94
N PHE A 301 4.75 20.88 1.77
CA PHE A 301 4.23 21.62 2.91
C PHE A 301 3.20 20.81 3.69
N VAL A 302 2.27 20.17 2.97
CA VAL A 302 1.23 19.39 3.65
C VAL A 302 1.84 18.24 4.44
N ILE A 303 2.62 17.40 3.75
CA ILE A 303 3.19 16.22 4.37
C ILE A 303 4.03 16.60 5.58
N PHE A 304 4.80 17.68 5.48
CA PHE A 304 5.71 17.98 6.57
C PHE A 304 5.10 18.82 7.67
N THR A 305 4.03 19.56 7.41
CA THR A 305 3.29 20.12 8.54
C THR A 305 2.59 19.01 9.33
N VAL A 306 2.13 17.96 8.64
CA VAL A 306 1.60 16.81 9.36
C VAL A 306 2.68 16.11 10.17
N LEU A 307 3.85 15.89 9.54
CA LEU A 307 4.95 15.25 10.26
C LEU A 307 5.44 16.10 11.43
N GLY A 308 5.40 17.43 11.29
CA GLY A 308 5.78 18.29 12.39
C GLY A 308 4.80 18.23 13.54
N TYR A 309 3.50 18.19 13.24
CA TYR A 309 2.52 17.98 14.29
C TYR A 309 2.75 16.65 15.00
N MET A 310 3.01 15.59 14.23
CA MET A 310 3.24 14.28 14.83
C MET A 310 4.49 14.27 15.70
N ALA A 311 5.56 14.91 15.24
CA ALA A 311 6.78 14.95 16.03
C ALA A 311 6.60 15.78 17.30
N GLU A 312 5.88 16.90 17.19
CA GLU A 312 5.63 17.72 18.37
C GLU A 312 4.76 17.00 19.38
N MET A 313 3.85 16.15 18.92
CA MET A 313 3.01 15.40 19.85
C MET A 313 3.77 14.23 20.47
N ARG A 314 4.61 13.54 19.68
CA ARG A 314 5.36 12.40 20.20
C ARG A 314 6.53 12.81 21.08
N ASN A 315 6.72 14.11 21.32
CA ASN A 315 7.81 14.62 22.17
C ASN A 315 9.16 14.13 21.67
N GLU A 316 9.41 14.39 20.39
CA GLU A 316 10.64 13.96 19.73
C GLU A 316 10.75 14.73 18.42
N ASP A 317 11.99 15.07 18.05
CA ASP A 317 12.19 15.88 16.86
C ASP A 317 11.77 15.12 15.61
N VAL A 318 11.81 15.82 14.47
CA VAL A 318 11.30 15.27 13.22
C VAL A 318 12.09 14.05 12.78
N SER A 319 13.36 13.97 13.18
CA SER A 319 14.15 12.79 12.84
C SER A 319 13.67 11.58 13.63
N GLU A 320 13.97 10.40 13.11
CA GLU A 320 13.52 9.13 13.67
C GLU A 320 12.00 9.10 13.78
N VAL A 321 11.33 9.58 12.74
CA VAL A 321 9.87 9.58 12.64
C VAL A 321 9.52 9.10 11.24
N ALA A 322 9.15 7.81 11.13
CA ALA A 322 8.74 7.20 9.86
C ALA A 322 9.81 7.37 8.79
N LYS A 323 10.95 6.73 9.04
CA LYS A 323 12.07 6.72 8.09
C LYS A 323 12.00 5.42 7.30
N ASP A 324 11.28 5.45 6.19
CA ASP A 324 11.11 4.29 5.33
C ASP A 324 10.77 4.79 3.93
N ALA A 325 10.28 3.90 3.08
CA ALA A 325 10.01 4.23 1.69
C ALA A 325 8.78 5.16 1.59
N GLY A 326 8.41 5.47 0.35
CA GLY A 326 7.33 6.38 0.08
C GLY A 326 5.95 5.87 0.45
N PRO A 327 5.55 4.71 -0.11
CA PRO A 327 4.22 4.17 0.24
C PRO A 327 4.02 3.98 1.73
N SER A 328 5.06 3.53 2.45
CA SER A 328 4.97 3.48 3.90
C SER A 328 4.80 4.87 4.50
N LEU A 329 5.57 5.84 4.00
CA LEU A 329 5.48 7.20 4.51
C LEU A 329 4.11 7.82 4.29
N LEU A 330 3.34 7.31 3.33
CA LEU A 330 2.00 7.83 3.10
C LEU A 330 0.90 6.98 3.72
N PHE A 331 1.16 5.71 4.01
CA PHE A 331 0.12 4.82 4.52
C PHE A 331 0.27 4.52 6.01
N ILE A 332 1.36 4.92 6.65
CA ILE A 332 1.54 4.58 8.06
C ILE A 332 1.48 5.83 8.93
N THR A 333 2.47 6.73 8.76
CA THR A 333 2.54 7.89 9.64
C THR A 333 1.43 8.88 9.35
N TYR A 334 1.16 9.13 8.06
CA TYR A 334 0.10 10.07 7.72
C TYR A 334 -1.27 9.48 8.08
N ALA A 335 -1.42 8.17 7.93
CA ALA A 335 -2.66 7.52 8.34
C ALA A 335 -2.88 7.63 9.85
N GLU A 336 -1.81 7.44 10.63
CA GLU A 336 -1.94 7.61 12.07
C GLU A 336 -2.28 9.05 12.44
N ALA A 337 -1.63 10.01 11.79
CA ALA A 337 -1.94 11.43 12.06
C ALA A 337 -3.38 11.75 11.71
N ILE A 338 -3.89 11.17 10.62
CA ILE A 338 -5.29 11.39 10.26
C ILE A 338 -6.21 10.74 11.30
N ALA A 339 -5.86 9.55 11.77
CA ALA A 339 -6.66 8.88 12.78
C ALA A 339 -6.65 9.61 14.11
N ASN A 340 -5.63 10.42 14.38
CA ASN A 340 -5.58 11.20 15.62
C ASN A 340 -6.09 12.63 15.44
N MET A 341 -6.39 13.06 14.22
CA MET A 341 -6.92 14.40 14.01
C MET A 341 -8.30 14.53 14.63
N PRO A 342 -8.72 15.76 14.97
CA PRO A 342 -10.04 15.94 15.60
C PRO A 342 -11.20 15.44 14.75
N ALA A 343 -11.34 15.96 13.53
CA ALA A 343 -12.45 15.58 12.66
C ALA A 343 -12.05 14.40 11.78
N SER A 344 -11.85 13.27 12.45
CA SER A 344 -11.49 12.04 11.76
C SER A 344 -12.66 11.54 10.92
N THR A 345 -12.42 10.45 10.18
CA THR A 345 -13.40 9.79 9.33
C THR A 345 -13.83 10.71 8.19
N PHE A 346 -13.25 11.91 8.13
CA PHE A 346 -13.45 12.82 7.02
C PHE A 346 -12.15 13.25 6.36
N PHE A 347 -11.09 13.45 7.14
CA PHE A 347 -9.78 13.71 6.58
C PHE A 347 -9.08 12.45 6.10
N ALA A 348 -9.72 11.29 6.24
CA ALA A 348 -9.26 10.05 5.63
C ALA A 348 -9.99 9.75 4.33
N ILE A 349 -11.30 9.94 4.29
CA ILE A 349 -12.07 9.70 3.08
C ILE A 349 -11.58 10.61 1.96
N ILE A 350 -11.50 11.92 2.22
CA ILE A 350 -11.07 12.83 1.16
C ILE A 350 -9.60 12.63 0.85
N PHE A 351 -8.77 12.26 1.83
CA PHE A 351 -7.37 12.03 1.53
C PHE A 351 -7.19 10.84 0.59
N PHE A 352 -7.90 9.73 0.85
CA PHE A 352 -7.76 8.59 -0.04
C PHE A 352 -8.45 8.82 -1.37
N LEU A 353 -9.51 9.64 -1.39
CA LEU A 353 -10.11 10.05 -2.65
C LEU A 353 -9.11 10.80 -3.51
N MET A 354 -8.43 11.79 -2.92
CA MET A 354 -7.44 12.53 -3.69
C MET A 354 -6.27 11.63 -4.08
N LEU A 355 -5.88 10.71 -3.19
CA LEU A 355 -4.75 9.82 -3.49
C LEU A 355 -5.07 8.89 -4.65
N ILE A 356 -6.33 8.48 -4.78
CA ILE A 356 -6.67 7.61 -5.91
C ILE A 356 -6.94 8.44 -7.17
N THR A 357 -7.41 9.68 -7.02
CA THR A 357 -7.69 10.48 -8.21
C THR A 357 -6.42 11.00 -8.86
N LEU A 358 -5.41 11.38 -8.07
CA LEU A 358 -4.15 11.79 -8.68
C LEU A 358 -3.29 10.60 -9.10
N GLY A 359 -3.86 9.40 -9.16
CA GLY A 359 -3.20 8.28 -9.78
C GLY A 359 -4.01 7.73 -10.95
N LEU A 360 -5.33 7.91 -10.88
CA LEU A 360 -6.21 7.40 -11.93
C LEU A 360 -5.92 8.09 -13.26
N ASP A 361 -5.91 9.42 -13.28
CA ASP A 361 -5.65 10.13 -14.53
C ASP A 361 -4.23 9.88 -15.03
N SER A 362 -3.29 9.70 -14.10
CA SER A 362 -1.92 9.38 -14.50
C SER A 362 -1.85 8.06 -15.23
N THR A 363 -2.54 7.04 -14.69
CA THR A 363 -2.56 5.75 -15.38
C THR A 363 -3.34 5.83 -16.68
N PHE A 364 -4.41 6.64 -16.71
CA PHE A 364 -5.13 6.89 -17.96
C PHE A 364 -4.16 7.36 -19.03
N ALA A 365 -3.35 8.37 -18.71
CA ALA A 365 -2.40 8.90 -19.68
C ALA A 365 -1.34 7.88 -20.05
N GLY A 366 -0.79 7.19 -19.05
CA GLY A 366 0.26 6.23 -19.32
C GLY A 366 -0.19 5.09 -20.22
N LEU A 367 -1.46 4.70 -20.12
CA LEU A 367 -1.96 3.67 -21.02
C LEU A 367 -2.39 4.24 -22.36
N GLU A 368 -2.95 5.46 -22.37
CA GLU A 368 -3.39 6.08 -23.61
C GLU A 368 -2.22 6.35 -24.53
N GLY A 369 -1.04 6.63 -23.97
CA GLY A 369 0.14 6.79 -24.80
C GLY A 369 0.41 5.60 -25.71
N VAL A 370 0.60 4.43 -25.10
CA VAL A 370 0.89 3.24 -25.89
C VAL A 370 -0.34 2.80 -26.67
N ILE A 371 -1.55 3.11 -26.20
CA ILE A 371 -2.74 2.77 -26.97
C ILE A 371 -2.75 3.54 -28.29
N THR A 372 -2.54 4.85 -28.22
CA THR A 372 -2.47 5.66 -29.44
C THR A 372 -1.32 5.22 -30.32
N ALA A 373 -0.17 4.88 -29.72
CA ALA A 373 0.97 4.43 -30.50
C ALA A 373 0.64 3.18 -31.30
N VAL A 374 0.15 2.13 -30.62
CA VAL A 374 -0.14 0.88 -31.32
C VAL A 374 -1.33 1.06 -32.27
N LEU A 375 -2.25 1.99 -31.97
CA LEU A 375 -3.37 2.24 -32.86
C LEU A 375 -2.92 2.84 -34.17
N ASP A 376 -2.26 4.00 -34.12
CA ASP A 376 -1.84 4.65 -35.36
C ASP A 376 -0.63 3.98 -35.99
N GLU A 377 -0.04 2.98 -35.32
CA GLU A 377 0.97 2.15 -35.99
C GLU A 377 0.33 1.30 -37.08
N PHE A 378 -0.70 0.53 -36.73
CA PHE A 378 -1.40 -0.33 -37.66
C PHE A 378 -2.83 0.19 -37.84
N PRO A 379 -3.06 1.12 -38.77
CA PRO A 379 -4.40 1.67 -38.95
C PRO A 379 -5.34 0.83 -39.79
N HIS A 380 -4.95 -0.38 -40.18
CA HIS A 380 -5.81 -1.28 -40.93
C HIS A 380 -6.42 -2.37 -40.07
N VAL A 381 -5.58 -3.14 -39.36
CA VAL A 381 -6.11 -4.12 -38.42
C VAL A 381 -6.70 -3.45 -37.20
N TRP A 382 -6.28 -2.23 -36.90
CA TRP A 382 -6.81 -1.42 -35.82
C TRP A 382 -7.31 -0.09 -36.40
N ALA A 383 -7.62 0.85 -35.50
CA ALA A 383 -8.14 2.18 -35.79
C ALA A 383 -9.57 2.15 -36.34
N LYS A 384 -10.13 0.97 -36.59
CA LYS A 384 -11.53 0.82 -36.93
C LYS A 384 -12.35 0.31 -35.76
N ARG A 385 -11.75 -0.45 -34.85
CA ARG A 385 -12.41 -0.96 -33.65
C ARG A 385 -11.54 -0.60 -32.46
N ARG A 386 -11.73 0.61 -31.93
CA ARG A 386 -11.03 1.01 -30.72
C ARG A 386 -11.73 0.57 -29.45
N GLU A 387 -13.02 0.20 -29.53
CA GLU A 387 -13.68 -0.42 -28.39
C GLU A 387 -12.92 -1.65 -27.94
N ARG A 388 -12.34 -2.39 -28.88
CA ARG A 388 -11.47 -3.50 -28.56
C ARG A 388 -10.01 -3.06 -28.51
N PHE A 389 -9.16 -3.99 -28.06
CA PHE A 389 -7.73 -3.82 -27.83
C PHE A 389 -7.45 -2.95 -26.62
N VAL A 390 -8.46 -2.19 -26.17
CA VAL A 390 -8.32 -1.52 -24.88
C VAL A 390 -8.70 -2.47 -23.77
N LEU A 391 -9.75 -3.26 -23.97
CA LEU A 391 -10.00 -4.40 -23.11
C LEU A 391 -8.80 -5.34 -23.10
N ALA A 392 -8.14 -5.49 -24.24
CA ALA A 392 -6.98 -6.38 -24.32
C ALA A 392 -5.81 -5.85 -23.49
N VAL A 393 -5.46 -4.56 -23.67
CA VAL A 393 -4.34 -4.02 -22.90
C VAL A 393 -4.69 -3.94 -21.42
N VAL A 394 -5.95 -3.71 -21.07
CA VAL A 394 -6.32 -3.66 -19.66
C VAL A 394 -6.23 -5.05 -19.03
N ILE A 395 -6.74 -6.08 -19.72
CA ILE A 395 -6.63 -7.44 -19.19
C ILE A 395 -5.19 -7.88 -19.13
N THR A 396 -4.36 -7.45 -20.08
CA THR A 396 -2.93 -7.80 -20.03
C THR A 396 -2.27 -7.17 -18.81
N CYS A 397 -2.51 -5.87 -18.59
CA CYS A 397 -1.95 -5.20 -17.42
C CYS A 397 -2.47 -5.80 -16.12
N PHE A 398 -3.72 -6.26 -16.11
CA PHE A 398 -4.29 -6.84 -14.91
C PHE A 398 -3.67 -8.22 -14.62
N PHE A 399 -3.58 -9.06 -15.64
CA PHE A 399 -2.97 -10.38 -15.46
C PHE A 399 -1.49 -10.25 -15.13
N GLY A 400 -0.84 -9.18 -15.57
CA GLY A 400 0.52 -8.93 -15.14
C GLY A 400 0.61 -8.40 -13.73
N SER A 401 -0.42 -7.65 -13.29
CA SER A 401 -0.47 -7.11 -11.94
C SER A 401 -1.06 -8.08 -10.94
N LEU A 402 -1.38 -9.31 -11.35
CA LEU A 402 -1.89 -10.31 -10.44
C LEU A 402 -0.83 -10.89 -9.54
N VAL A 403 0.45 -10.67 -9.84
CA VAL A 403 1.52 -11.15 -8.98
C VAL A 403 1.83 -10.14 -7.87
N THR A 404 1.62 -8.85 -8.11
CA THR A 404 1.84 -7.84 -7.08
C THR A 404 0.73 -7.77 -6.05
N LEU A 405 -0.39 -8.47 -6.28
CA LEU A 405 -1.51 -8.47 -5.35
C LEU A 405 -1.56 -9.71 -4.47
N THR A 406 -0.55 -10.58 -4.55
CA THR A 406 -0.49 -11.72 -3.67
C THR A 406 -0.07 -11.28 -2.27
N PHE A 407 0.06 -12.23 -1.35
CA PHE A 407 0.48 -11.91 0.00
C PHE A 407 1.90 -11.38 0.05
N GLY A 408 2.71 -11.66 -0.96
CA GLY A 408 4.01 -11.02 -1.09
C GLY A 408 3.85 -9.52 -1.25
N GLY A 409 3.10 -9.12 -2.27
CA GLY A 409 2.70 -7.73 -2.41
C GLY A 409 3.85 -6.76 -2.55
N ALA A 410 4.11 -5.99 -1.48
CA ALA A 410 5.18 -5.01 -1.52
C ALA A 410 6.52 -5.63 -1.88
N TYR A 411 6.74 -6.90 -1.54
CA TYR A 411 7.99 -7.55 -1.86
C TYR A 411 8.25 -7.63 -3.36
N VAL A 412 7.22 -7.52 -4.19
CA VAL A 412 7.37 -7.53 -5.63
C VAL A 412 7.15 -6.12 -6.16
N VAL A 413 6.31 -5.35 -5.46
CA VAL A 413 6.03 -3.99 -5.89
C VAL A 413 7.29 -3.12 -5.80
N LYS A 414 8.04 -3.25 -4.70
CA LYS A 414 9.27 -2.49 -4.56
C LYS A 414 10.29 -2.89 -5.62
N LEU A 415 10.37 -4.19 -5.92
CA LEU A 415 11.29 -4.67 -6.95
C LEU A 415 10.94 -4.08 -8.31
N LEU A 416 9.68 -4.21 -8.72
CA LEU A 416 9.25 -3.67 -10.01
C LEU A 416 9.25 -2.14 -10.00
N GLU A 417 9.30 -1.51 -8.84
CA GLU A 417 9.34 -0.05 -8.78
C GLU A 417 10.77 0.46 -8.96
N GLU A 418 11.74 -0.20 -8.33
CA GLU A 418 13.13 0.23 -8.40
C GLU A 418 13.95 -0.62 -9.36
N TYR A 419 13.31 -1.36 -10.26
CA TYR A 419 14.06 -2.06 -11.30
C TYR A 419 13.51 -1.77 -12.69
N ALA A 420 12.20 -1.62 -12.81
CA ALA A 420 11.59 -1.29 -14.09
C ALA A 420 11.71 0.19 -14.45
N THR A 421 12.25 1.01 -13.56
CA THR A 421 12.48 2.42 -13.81
C THR A 421 13.96 2.77 -13.68
N GLY A 422 14.83 1.81 -13.98
CA GLY A 422 16.25 2.00 -13.83
C GLY A 422 16.90 2.59 -15.06
N PRO A 423 17.93 1.92 -15.58
CA PRO A 423 18.59 2.42 -16.79
C PRO A 423 17.89 2.02 -18.08
N ALA A 424 16.85 1.19 -18.01
CA ALA A 424 16.12 0.83 -19.22
C ALA A 424 15.31 2.00 -19.74
N VAL A 425 14.44 2.56 -18.88
CA VAL A 425 13.62 3.69 -19.30
C VAL A 425 14.49 4.90 -19.63
N LEU A 426 15.54 5.10 -18.84
CA LEU A 426 16.42 6.25 -19.08
C LEU A 426 17.24 6.07 -20.35
N THR A 427 17.61 4.83 -20.68
CA THR A 427 18.31 4.59 -21.94
C THR A 427 17.36 4.77 -23.12
N VAL A 428 16.10 4.36 -22.97
CA VAL A 428 15.10 4.64 -24.00
C VAL A 428 14.96 6.14 -24.22
N ALA A 429 14.86 6.90 -23.13
CA ALA A 429 14.72 8.35 -23.26
C ALA A 429 15.97 8.98 -23.87
N LEU A 430 17.15 8.49 -23.50
CA LEU A 430 18.39 9.01 -24.06
C LEU A 430 18.47 8.73 -25.55
N ILE A 431 18.10 7.53 -25.98
CA ILE A 431 18.14 7.21 -27.40
C ILE A 431 17.12 8.04 -28.16
N GLU A 432 15.94 8.23 -27.58
CA GLU A 432 14.94 9.12 -28.20
C GLU A 432 15.49 10.52 -28.38
N ALA A 433 16.12 11.06 -27.33
CA ALA A 433 16.63 12.43 -27.39
C ALA A 433 17.77 12.55 -28.38
N VAL A 434 18.66 11.56 -28.43
CA VAL A 434 19.79 11.64 -29.35
C VAL A 434 19.35 11.37 -30.78
N ALA A 435 18.22 10.69 -30.97
CA ALA A 435 17.68 10.53 -32.32
C ALA A 435 16.99 11.79 -32.80
N VAL A 436 16.24 12.45 -31.92
CA VAL A 436 15.57 13.69 -32.31
C VAL A 436 16.57 14.83 -32.45
N SER A 437 17.69 14.76 -31.72
CA SER A 437 18.65 15.86 -31.68
C SER A 437 19.83 15.66 -32.63
N TRP A 438 20.53 14.53 -32.53
CA TRP A 438 21.75 14.32 -33.30
C TRP A 438 21.47 13.77 -34.70
N PHE A 439 20.81 12.61 -34.78
CA PHE A 439 20.52 12.00 -36.07
C PHE A 439 19.60 12.90 -36.90
N TYR A 440 18.38 13.13 -36.41
CA TYR A 440 17.45 14.06 -37.04
C TYR A 440 17.95 15.48 -36.79
N GLY A 441 18.50 16.10 -37.81
CA GLY A 441 19.09 17.42 -37.70
C GLY A 441 18.22 18.44 -37.01
N ILE A 442 18.72 19.05 -35.94
CA ILE A 442 17.94 20.01 -35.17
C ILE A 442 17.59 21.25 -35.96
N THR A 443 18.27 21.50 -37.09
CA THR A 443 17.89 22.60 -37.96
C THR A 443 16.47 22.41 -38.47
N GLN A 444 16.13 21.20 -38.93
CA GLN A 444 14.77 20.91 -39.35
C GLN A 444 13.82 20.93 -38.15
N PHE A 445 14.28 20.46 -36.99
CA PHE A 445 13.46 20.47 -35.80
C PHE A 445 13.22 21.87 -35.27
N CYS A 446 13.95 22.87 -35.75
CA CYS A 446 13.65 24.26 -35.46
C CYS A 446 12.83 24.91 -36.56
N ARG A 447 13.09 24.56 -37.82
CA ARG A 447 12.29 25.09 -38.93
C ARG A 447 10.84 24.69 -38.81
N ASP A 448 10.57 23.43 -38.47
CA ASP A 448 9.19 22.97 -38.36
C ASP A 448 8.49 23.63 -37.18
N VAL A 449 9.19 23.80 -36.06
CA VAL A 449 8.59 24.46 -34.91
C VAL A 449 8.32 25.92 -35.22
N LYS A 450 9.20 26.57 -35.97
CA LYS A 450 8.95 27.95 -36.38
C LYS A 450 7.75 28.05 -37.29
N GLU A 451 7.62 27.14 -38.26
CA GLU A 451 6.49 27.17 -39.17
C GLU A 451 5.19 26.75 -38.50
N MET A 452 5.27 26.04 -37.37
CA MET A 452 4.08 25.61 -36.65
C MET A 452 3.59 26.68 -35.67
N LEU A 453 4.51 27.26 -34.89
CA LEU A 453 4.13 28.27 -33.90
C LEU A 453 4.10 29.66 -34.52
N GLY A 454 5.22 30.10 -35.08
CA GLY A 454 5.33 31.43 -35.64
C GLY A 454 6.66 32.08 -35.32
N PHE A 455 7.49 31.39 -34.55
CA PHE A 455 8.81 31.89 -34.19
C PHE A 455 9.72 30.71 -33.87
N SER A 456 10.98 30.82 -34.28
CA SER A 456 11.94 29.76 -34.04
C SER A 456 12.25 29.67 -32.55
N PRO A 457 12.62 28.48 -32.07
CA PRO A 457 13.01 28.35 -30.66
C PRO A 457 14.26 29.16 -30.36
N GLY A 458 14.28 29.78 -29.18
CA GLY A 458 15.39 30.61 -28.79
C GLY A 458 16.69 29.83 -28.67
N TRP A 459 17.77 30.58 -28.45
CA TRP A 459 19.09 29.97 -28.32
C TRP A 459 19.24 29.17 -27.03
N PHE A 460 18.27 29.24 -26.11
CA PHE A 460 18.35 28.45 -24.90
C PHE A 460 18.09 26.98 -25.18
N TRP A 461 16.95 26.68 -25.80
CA TRP A 461 16.64 25.29 -26.14
C TRP A 461 17.50 24.77 -27.28
N ARG A 462 18.01 25.65 -28.14
CA ARG A 462 18.83 25.22 -29.25
C ARG A 462 20.14 24.60 -28.78
N ILE A 463 20.72 25.11 -27.70
CA ILE A 463 21.96 24.55 -27.19
C ILE A 463 21.70 23.41 -26.19
N CYS A 464 20.52 23.41 -25.56
CA CYS A 464 20.27 22.41 -24.52
C CYS A 464 20.01 21.03 -25.12
N TRP A 465 19.15 20.96 -26.14
CA TRP A 465 18.78 19.68 -26.71
C TRP A 465 19.96 18.92 -27.30
N VAL A 466 21.09 19.60 -27.53
CA VAL A 466 22.25 18.96 -28.14
C VAL A 466 23.41 18.77 -27.17
N ALA A 467 23.43 19.48 -26.04
CA ALA A 467 24.60 19.44 -25.18
C ALA A 467 24.25 19.16 -23.73
N ILE A 468 23.07 19.58 -23.28
CA ILE A 468 22.71 19.50 -21.87
C ILE A 468 21.84 18.27 -21.61
N SER A 469 20.74 18.14 -22.35
CA SER A 469 19.84 17.01 -22.12
C SER A 469 20.48 15.67 -22.44
N PRO A 470 21.12 15.46 -23.60
CA PRO A 470 21.80 14.17 -23.82
C PRO A 470 22.99 13.95 -22.91
N LEU A 471 23.46 14.97 -22.21
CA LEU A 471 24.52 14.79 -21.22
C LEU A 471 23.94 14.55 -19.83
N PHE A 472 22.89 15.29 -19.45
CA PHE A 472 22.27 15.06 -18.15
C PHE A 472 21.41 13.81 -18.12
N LEU A 473 21.17 13.18 -19.27
CA LEU A 473 20.59 11.85 -19.28
C LEU A 473 21.66 10.77 -19.22
N LEU A 474 22.78 10.97 -19.91
CA LEU A 474 23.90 10.04 -19.77
C LEU A 474 24.42 10.02 -18.33
N PHE A 475 24.43 11.18 -17.68
CA PHE A 475 24.87 11.25 -16.29
C PHE A 475 23.90 10.52 -15.37
N ILE A 476 22.59 10.75 -15.55
CA ILE A 476 21.60 10.08 -14.72
C ILE A 476 21.55 8.59 -15.00
N ILE A 477 22.01 8.16 -16.17
CA ILE A 477 22.12 6.73 -16.43
C ILE A 477 23.34 6.15 -15.73
N CYS A 478 24.52 6.73 -15.98
CA CYS A 478 25.75 6.21 -15.40
C CYS A 478 25.84 6.45 -13.89
N SER A 479 24.89 7.19 -13.31
CA SER A 479 24.92 7.41 -11.87
C SER A 479 24.62 6.13 -11.10
N PHE A 480 23.42 5.57 -11.27
CA PHE A 480 23.04 4.35 -10.57
C PHE A 480 23.16 3.11 -11.44
N LEU A 481 23.84 3.21 -12.59
CA LEU A 481 24.24 2.00 -13.29
C LEU A 481 25.33 1.26 -12.54
N MET A 482 26.03 1.93 -11.62
CA MET A 482 27.05 1.33 -10.79
C MET A 482 26.68 1.27 -9.32
N SER A 483 25.60 1.92 -8.90
CA SER A 483 25.20 1.89 -7.50
C SER A 483 24.65 0.52 -7.14
N PRO A 484 25.03 -0.03 -5.99
CA PRO A 484 24.55 -1.36 -5.60
C PRO A 484 23.10 -1.31 -5.16
N PRO A 485 22.24 -2.10 -5.78
CA PRO A 485 20.83 -2.15 -5.35
C PRO A 485 20.70 -2.89 -4.02
N GLN A 486 20.16 -2.19 -3.02
CA GLN A 486 20.04 -2.67 -1.65
C GLN A 486 18.64 -2.40 -1.10
N LEU A 487 17.63 -2.84 -1.86
CA LEU A 487 16.22 -2.49 -1.65
C LEU A 487 15.81 -2.54 -0.18
N ARG A 488 15.84 -3.75 0.41
CA ARG A 488 15.72 -3.94 1.86
C ARG A 488 14.54 -3.15 2.45
N LEU A 489 13.34 -3.55 2.07
CA LEU A 489 12.14 -2.98 2.69
C LEU A 489 11.64 -3.89 3.79
N PHE A 490 11.08 -3.28 4.83
CA PHE A 490 10.51 -4.00 5.97
C PHE A 490 11.52 -4.98 6.58
N GLN A 491 12.72 -4.47 6.82
CA GLN A 491 13.86 -5.23 7.37
C GLN A 491 13.95 -6.63 6.77
N TYR A 492 13.85 -6.69 5.44
CA TYR A 492 13.96 -7.93 4.68
C TYR A 492 15.05 -7.76 3.64
N ASN A 493 16.19 -8.40 3.85
CA ASN A 493 17.29 -8.31 2.90
C ASN A 493 16.99 -9.16 1.68
N TYR A 494 16.98 -8.55 0.51
CA TYR A 494 16.66 -9.28 -0.71
C TYR A 494 17.77 -10.25 -1.06
N PRO A 495 17.45 -11.41 -1.62
CA PRO A 495 18.49 -12.37 -2.01
C PRO A 495 19.28 -11.86 -3.19
N TYR A 496 20.35 -12.60 -3.52
CA TYR A 496 21.21 -12.18 -4.62
C TYR A 496 20.57 -12.45 -5.98
N TRP A 497 19.75 -13.49 -6.09
CA TRP A 497 19.08 -13.74 -7.37
C TRP A 497 18.08 -12.64 -7.70
N SER A 498 17.65 -11.84 -6.71
CA SER A 498 16.82 -10.68 -7.01
C SER A 498 17.55 -9.68 -7.89
N ILE A 499 18.87 -9.57 -7.73
CA ILE A 499 19.64 -8.67 -8.58
C ILE A 499 19.64 -9.17 -10.02
N ILE A 500 19.78 -10.47 -10.21
CA ILE A 500 19.71 -11.03 -11.56
C ILE A 500 18.32 -10.88 -12.15
N LEU A 501 17.28 -11.02 -11.32
CA LEU A 501 15.92 -10.80 -11.79
C LEU A 501 15.71 -9.36 -12.23
N GLY A 502 16.25 -8.41 -11.46
CA GLY A 502 16.15 -7.02 -11.87
C GLY A 502 16.92 -6.73 -13.13
N TYR A 503 18.10 -7.34 -13.27
CA TYR A 503 18.87 -7.18 -14.51
C TYR A 503 18.09 -7.73 -15.70
N CYS A 504 17.43 -8.88 -15.53
CA CYS A 504 16.65 -9.45 -16.62
C CYS A 504 15.43 -8.60 -16.94
N ILE A 505 14.81 -8.00 -15.91
CA ILE A 505 13.68 -7.12 -16.13
C ILE A 505 14.11 -5.88 -16.90
N GLY A 506 15.29 -5.34 -16.57
CA GLY A 506 15.82 -4.23 -17.33
C GLY A 506 16.18 -4.61 -18.75
N THR A 507 16.70 -5.83 -18.93
CA THR A 507 17.05 -6.32 -20.27
C THR A 507 15.82 -6.61 -21.11
N SER A 508 14.67 -6.86 -20.48
CA SER A 508 13.42 -6.97 -21.24
C SER A 508 13.18 -5.72 -22.07
N SER A 509 13.56 -4.57 -21.57
CA SER A 509 13.66 -3.36 -22.36
C SER A 509 15.09 -3.20 -22.88
N PHE A 510 15.25 -2.30 -23.84
CA PHE A 510 16.54 -2.04 -24.50
C PHE A 510 17.08 -3.27 -25.22
N ILE A 511 16.26 -4.30 -25.42
CA ILE A 511 16.64 -5.42 -26.27
C ILE A 511 15.90 -5.26 -27.58
N CYS A 512 14.72 -4.62 -27.53
CA CYS A 512 13.96 -4.36 -28.73
C CYS A 512 14.70 -3.39 -29.66
N ILE A 513 15.45 -2.44 -29.10
CA ILE A 513 16.19 -1.47 -29.90
C ILE A 513 17.23 -2.19 -30.75
N PRO A 514 18.15 -2.97 -30.19
CA PRO A 514 19.10 -3.69 -31.05
C PRO A 514 18.44 -4.75 -31.90
N THR A 515 17.38 -5.39 -31.39
CA THR A 515 16.66 -6.36 -32.20
C THR A 515 16.17 -5.75 -33.50
N TYR A 516 15.46 -4.61 -33.40
CA TYR A 516 14.95 -3.97 -34.61
C TYR A 516 16.06 -3.34 -35.43
N ILE A 517 17.13 -2.86 -34.79
CA ILE A 517 18.25 -2.31 -35.54
C ILE A 517 18.82 -3.37 -36.47
N ALA A 518 19.06 -4.57 -35.92
CA ALA A 518 19.56 -5.67 -36.74
C ALA A 518 18.53 -6.10 -37.78
N TYR A 519 17.26 -6.19 -37.39
CA TYR A 519 16.23 -6.63 -38.31
C TYR A 519 16.05 -5.67 -39.47
N ARG A 520 16.34 -4.38 -39.26
CA ARG A 520 16.25 -3.39 -40.31
C ARG A 520 17.53 -3.32 -41.14
N LEU A 521 18.69 -3.57 -40.53
CA LEU A 521 19.93 -3.54 -41.29
C LEU A 521 20.10 -4.76 -42.17
N ILE A 522 19.50 -5.90 -41.80
CA ILE A 522 19.64 -7.09 -42.63
C ILE A 522 18.80 -6.96 -43.90
N ILE A 523 17.62 -6.35 -43.81
CA ILE A 523 16.71 -6.33 -44.95
C ILE A 523 17.25 -5.45 -46.06
N THR A 524 17.75 -4.25 -45.72
CA THR A 524 18.21 -3.34 -46.75
C THR A 524 19.44 -3.91 -47.46
N PRO A 525 19.49 -3.86 -48.79
CA PRO A 525 20.62 -4.43 -49.52
C PRO A 525 21.77 -3.44 -49.66
N GLY A 526 22.89 -3.95 -50.16
CA GLY A 526 24.08 -3.16 -50.38
C GLY A 526 25.13 -3.44 -49.31
N THR A 527 26.23 -2.71 -49.41
CA THR A 527 27.31 -2.85 -48.44
C THR A 527 26.90 -2.19 -47.12
N PHE A 528 27.79 -2.28 -46.13
CA PHE A 528 27.48 -1.77 -44.79
C PHE A 528 27.22 -0.27 -44.82
N LYS A 529 27.98 0.47 -45.63
CA LYS A 529 27.87 1.93 -45.63
C LYS A 529 26.50 2.37 -46.11
N GLU A 530 26.07 1.89 -47.27
CA GLU A 530 24.75 2.24 -47.77
C GLU A 530 23.66 1.61 -46.92
N ARG A 531 23.91 0.42 -46.36
CA ARG A 531 22.94 -0.18 -45.46
C ARG A 531 22.69 0.70 -44.25
N ILE A 532 23.69 1.45 -43.81
CA ILE A 532 23.47 2.43 -42.75
C ILE A 532 22.76 3.66 -43.29
N ILE A 533 23.32 4.28 -44.34
CA ILE A 533 22.79 5.56 -44.82
C ILE A 533 21.35 5.46 -45.26
N LYS A 534 20.89 4.29 -45.69
CA LYS A 534 19.50 4.16 -46.14
C LYS A 534 18.53 4.41 -45.00
N SER A 535 18.65 3.63 -43.93
CA SER A 535 17.71 3.72 -42.80
C SER A 535 18.19 4.65 -41.70
N ILE A 536 18.58 5.87 -42.08
CA ILE A 536 18.81 6.95 -41.12
C ILE A 536 17.88 8.10 -41.48
N THR A 537 17.56 8.22 -42.75
CA THR A 537 16.74 9.29 -43.27
C THR A 537 15.26 8.92 -43.21
N PRO A 538 14.39 9.90 -42.95
CA PRO A 538 12.95 9.61 -42.93
C PRO A 538 12.44 9.17 -44.29
N GLU A 539 11.25 8.57 -44.28
CA GLU A 539 10.65 8.09 -45.53
C GLU A 539 10.35 9.25 -46.47
N THR A 540 9.47 10.16 -46.04
CA THR A 540 9.04 11.32 -46.83
C THR A 540 8.59 10.86 -48.22
N PRO A 541 7.42 10.24 -48.33
CA PRO A 541 6.92 9.76 -49.62
C PRO A 541 6.53 10.89 -50.57
N GLN B 1 5.77 -11.52 35.50
CA GLN B 1 4.68 -12.44 35.78
C GLN B 1 3.33 -11.74 35.63
N VAL B 2 2.29 -12.52 35.34
CA VAL B 2 0.94 -12.00 35.19
C VAL B 2 0.04 -12.77 36.13
N GLN B 3 -0.78 -12.03 36.89
CA GLN B 3 -1.73 -12.66 37.80
C GLN B 3 -2.93 -11.73 37.96
N LEU B 4 -4.11 -12.32 38.11
CA LEU B 4 -5.34 -11.58 38.25
C LEU B 4 -6.01 -11.94 39.57
N GLN B 5 -6.82 -11.01 40.08
CA GLN B 5 -7.55 -11.22 41.33
C GLN B 5 -8.98 -10.71 41.16
N GLN B 6 -9.88 -11.27 41.95
CA GLN B 6 -11.28 -10.90 41.94
C GLN B 6 -11.78 -10.72 43.37
N SER B 7 -13.07 -10.43 43.50
CA SER B 7 -13.67 -10.24 44.81
C SER B 7 -14.13 -11.58 45.38
N GLY B 8 -14.75 -11.54 46.54
CA GLY B 8 -15.28 -12.72 47.18
C GLY B 8 -16.66 -13.06 46.66
N PRO B 9 -17.17 -14.21 47.12
CA PRO B 9 -18.51 -14.63 46.69
C PRO B 9 -19.60 -13.74 47.27
N GLU B 10 -20.74 -13.72 46.58
CA GLU B 10 -21.89 -12.93 47.01
C GLU B 10 -23.13 -13.80 47.12
N LEU B 11 -24.29 -13.18 47.33
CA LEU B 11 -25.56 -13.88 47.43
C LEU B 11 -26.44 -13.53 46.23
N VAL B 12 -27.16 -14.52 45.71
CA VAL B 12 -28.03 -14.34 44.57
C VAL B 12 -29.42 -13.99 45.10
N LYS B 13 -29.84 -12.74 44.87
CA LYS B 13 -31.17 -12.28 45.24
C LYS B 13 -31.98 -12.01 43.99
N LEU B 14 -33.30 -12.19 44.10
CA LEU B 14 -34.19 -12.02 42.95
C LEU B 14 -34.22 -10.56 42.53
N GLY B 15 -33.71 -10.28 41.33
CA GLY B 15 -33.74 -8.94 40.79
C GLY B 15 -32.65 -8.01 41.27
N ALA B 16 -31.79 -8.47 42.19
CA ALA B 16 -30.74 -7.62 42.72
C ALA B 16 -29.62 -7.45 41.70
N SER B 17 -28.67 -6.57 42.03
CA SER B 17 -27.52 -6.29 41.19
C SER B 17 -26.24 -6.49 41.97
N VAL B 18 -25.21 -6.99 41.28
CA VAL B 18 -23.92 -7.26 41.89
C VAL B 18 -22.83 -6.76 40.96
N ARG B 19 -21.74 -6.26 41.55
CA ARG B 19 -20.62 -5.71 40.80
C ARG B 19 -19.41 -6.60 41.02
N ILE B 20 -19.07 -7.38 39.99
CA ILE B 20 -17.91 -8.26 40.03
C ILE B 20 -16.68 -7.49 39.61
N SER B 21 -15.65 -7.49 40.45
CA SER B 21 -14.41 -6.80 40.17
C SER B 21 -13.36 -7.78 39.66
N CYS B 22 -12.32 -7.23 39.04
CA CYS B 22 -11.23 -8.04 38.51
C CYS B 22 -10.01 -7.15 38.34
N LYS B 23 -8.95 -7.44 39.09
CA LYS B 23 -7.73 -6.65 39.04
C LYS B 23 -6.82 -7.16 37.92
N ALA B 24 -5.70 -6.48 37.73
CA ALA B 24 -4.71 -6.87 36.72
C ALA B 24 -3.38 -6.23 37.09
N SER B 25 -2.29 -6.95 36.82
CA SER B 25 -0.96 -6.45 37.15
C SER B 25 0.07 -7.26 36.37
N GLY B 26 1.28 -6.71 36.30
CA GLY B 26 2.39 -7.37 35.64
C GLY B 26 2.47 -7.19 34.14
N TYR B 27 1.65 -6.31 33.57
CA TYR B 27 1.63 -6.10 32.12
C TYR B 27 0.88 -4.81 31.85
N ARG B 28 1.07 -4.29 30.64
CA ARG B 28 0.35 -3.09 30.19
C ARG B 28 -1.08 -3.49 29.89
N PHE B 29 -1.96 -3.27 30.86
CA PHE B 29 -3.34 -3.72 30.76
C PHE B 29 -4.20 -2.83 29.89
N SER B 30 -3.67 -1.69 29.43
CA SER B 30 -4.44 -0.80 28.58
C SER B 30 -4.48 -1.24 27.12
N TYR B 31 -4.00 -2.45 26.82
CA TYR B 31 -4.00 -2.95 25.45
C TYR B 31 -4.40 -4.40 25.32
N SER B 32 -4.81 -5.06 26.39
CA SER B 32 -5.26 -6.44 26.36
C SER B 32 -6.69 -6.53 26.84
N TRP B 33 -7.50 -7.32 26.12
CA TRP B 33 -8.90 -7.48 26.47
C TRP B 33 -9.03 -8.12 27.86
N MET B 34 -10.24 -8.03 28.42
CA MET B 34 -10.57 -8.64 29.70
C MET B 34 -11.91 -9.36 29.52
N ASN B 35 -11.83 -10.63 29.14
CA ASN B 35 -13.03 -11.40 28.87
C ASN B 35 -13.76 -11.73 30.18
N TRP B 36 -14.94 -12.32 30.03
CA TRP B 36 -15.71 -12.80 31.17
C TRP B 36 -16.49 -14.02 30.73
N VAL B 37 -16.39 -15.12 31.47
CA VAL B 37 -17.09 -16.35 31.16
C VAL B 37 -17.95 -16.74 32.34
N LYS B 38 -18.95 -17.58 32.07
CA LYS B 38 -19.87 -18.07 33.09
C LYS B 38 -19.90 -19.58 33.02
N GLN B 39 -19.29 -20.24 34.00
CA GLN B 39 -19.23 -21.70 34.07
C GLN B 39 -20.24 -22.17 35.10
N ARG B 40 -21.45 -22.50 34.63
CA ARG B 40 -22.47 -23.00 35.52
C ARG B 40 -22.08 -24.36 36.09
N PRO B 41 -22.48 -24.67 37.32
CA PRO B 41 -22.09 -25.95 37.93
C PRO B 41 -22.68 -27.14 37.19
N GLY B 42 -21.82 -27.96 36.59
CA GLY B 42 -22.22 -29.15 35.88
C GLY B 42 -22.15 -29.04 34.38
N LYS B 43 -22.15 -27.83 33.84
CA LYS B 43 -22.11 -27.61 32.40
C LYS B 43 -20.82 -26.91 32.01
N GLY B 44 -20.65 -26.71 30.71
CA GLY B 44 -19.45 -26.11 30.17
C GLY B 44 -19.43 -24.60 30.29
N LEU B 45 -18.31 -24.02 29.87
CA LEU B 45 -18.15 -22.57 29.93
C LEU B 45 -19.07 -21.88 28.93
N GLU B 46 -19.36 -20.61 29.20
CA GLU B 46 -20.18 -19.79 28.34
C GLU B 46 -19.64 -18.38 28.33
N TRP B 47 -19.43 -17.82 27.14
CA TRP B 47 -18.85 -16.50 26.99
C TRP B 47 -19.89 -15.43 27.32
N ILE B 48 -19.53 -14.51 28.21
CA ILE B 48 -20.45 -13.46 28.64
C ILE B 48 -20.26 -12.21 27.80
N GLY B 49 -19.08 -11.63 27.86
CA GLY B 49 -18.83 -10.38 27.20
C GLY B 49 -17.36 -10.13 26.97
N ARG B 50 -17.02 -8.87 26.72
CA ARG B 50 -15.68 -8.48 26.38
C ARG B 50 -15.51 -7.01 26.69
N ILE B 51 -14.25 -6.58 26.84
CA ILE B 51 -13.94 -5.18 27.09
C ILE B 51 -12.48 -4.96 26.69
N TYR B 52 -12.14 -3.71 26.41
CA TYR B 52 -10.79 -3.33 26.02
C TYR B 52 -10.43 -2.05 26.75
N PRO B 53 -9.85 -2.15 27.94
CA PRO B 53 -9.50 -0.93 28.70
C PRO B 53 -8.52 -0.07 27.92
N GLY B 54 -8.98 1.14 27.60
CA GLY B 54 -8.23 2.07 26.77
C GLY B 54 -9.00 2.61 25.58
N ASP B 55 -10.05 1.92 25.16
CA ASP B 55 -10.90 2.38 24.07
C ASP B 55 -12.39 2.23 24.38
N GLY B 56 -12.75 1.46 25.41
CA GLY B 56 -14.14 1.26 25.75
C GLY B 56 -14.88 0.32 24.84
N ASP B 57 -14.20 -0.36 23.92
CA ASP B 57 -14.85 -1.29 23.00
C ASP B 57 -15.29 -2.53 23.76
N THR B 58 -16.60 -2.71 23.91
CA THR B 58 -17.17 -3.85 24.59
C THR B 58 -18.05 -4.64 23.63
N LYS B 59 -18.00 -5.96 23.74
CA LYS B 59 -18.83 -6.86 22.97
C LYS B 59 -19.60 -7.77 23.93
N TYR B 60 -20.70 -8.33 23.45
CA TYR B 60 -21.52 -9.23 24.24
C TYR B 60 -22.08 -10.30 23.32
N SER B 61 -22.95 -11.16 23.85
CA SER B 61 -23.55 -12.23 23.06
C SER B 61 -24.78 -12.75 23.77
N GLY B 62 -25.90 -12.80 23.06
CA GLY B 62 -27.11 -13.40 23.58
C GLY B 62 -27.72 -12.70 24.78
N LYS B 63 -28.14 -11.45 24.59
CA LYS B 63 -28.85 -10.62 25.58
C LYS B 63 -27.96 -10.26 26.77
N PHE B 64 -26.72 -10.75 26.82
CA PHE B 64 -25.81 -10.36 27.88
C PHE B 64 -25.46 -8.87 27.83
N LYS B 65 -25.79 -8.19 26.73
CA LYS B 65 -25.56 -6.76 26.62
C LYS B 65 -26.54 -5.94 27.47
N GLY B 66 -27.69 -6.49 27.80
CA GLY B 66 -28.65 -5.80 28.63
C GLY B 66 -28.67 -6.34 30.05
N LYS B 67 -27.91 -7.41 30.28
CA LYS B 67 -27.82 -8.03 31.60
C LYS B 67 -26.49 -7.80 32.29
N ALA B 68 -25.42 -7.52 31.54
CA ALA B 68 -24.10 -7.34 32.13
C ALA B 68 -23.37 -6.26 31.34
N THR B 69 -23.40 -5.03 31.84
CA THR B 69 -22.73 -3.90 31.21
C THR B 69 -21.32 -3.79 31.80
N LEU B 70 -20.31 -4.09 30.98
CA LEU B 70 -18.94 -4.08 31.43
C LEU B 70 -18.41 -2.65 31.52
N THR B 71 -17.51 -2.42 32.48
CA THR B 71 -16.88 -1.12 32.67
C THR B 71 -15.43 -1.34 33.06
N ALA B 72 -14.54 -0.58 32.44
CA ALA B 72 -13.10 -0.70 32.67
C ALA B 72 -12.61 0.57 33.37
N ASP B 73 -11.95 0.39 34.50
CA ASP B 73 -11.34 1.49 35.25
C ASP B 73 -9.84 1.37 35.10
N LYS B 74 -9.27 2.11 34.16
CA LYS B 74 -7.85 2.04 33.86
C LYS B 74 -6.98 2.77 34.90
N SER B 75 -7.58 3.23 36.00
CA SER B 75 -6.82 3.90 37.05
C SER B 75 -6.30 2.92 38.09
N SER B 76 -7.22 2.18 38.72
CA SER B 76 -6.86 1.20 39.73
C SER B 76 -6.56 -0.18 39.16
N SER B 77 -6.39 -0.27 37.84
CA SER B 77 -6.08 -1.53 37.15
C SER B 77 -7.17 -2.57 37.42
N THR B 78 -8.43 -2.16 37.26
CA THR B 78 -9.56 -3.02 37.54
C THR B 78 -10.59 -2.90 36.43
N VAL B 79 -11.32 -3.99 36.19
CA VAL B 79 -12.45 -4.01 35.28
C VAL B 79 -13.67 -4.52 36.02
N TYR B 80 -14.84 -4.00 35.65
CA TYR B 80 -16.09 -4.31 36.33
C TYR B 80 -17.11 -4.83 35.33
N MET B 81 -18.16 -5.44 35.87
CA MET B 81 -19.33 -5.81 35.07
C MET B 81 -20.55 -5.76 35.98
N GLN B 82 -21.38 -4.74 35.79
CA GLN B 82 -22.54 -4.51 36.66
C GLN B 82 -23.66 -5.44 36.23
N LEU B 83 -23.80 -6.57 36.90
CA LEU B 83 -24.90 -7.48 36.62
C LEU B 83 -26.22 -6.88 37.10
N SER B 84 -27.31 -7.37 36.53
CA SER B 84 -28.63 -6.89 36.89
C SER B 84 -29.65 -7.99 36.59
N SER B 85 -30.77 -7.95 37.33
CA SER B 85 -31.84 -8.93 37.22
C SER B 85 -31.30 -10.35 37.33
N LEU B 86 -30.73 -10.65 38.50
CA LEU B 86 -30.08 -11.93 38.74
C LEU B 86 -31.15 -13.02 38.83
N THR B 87 -31.34 -13.73 37.72
CA THR B 87 -32.22 -14.88 37.68
C THR B 87 -31.51 -16.09 38.29
N SER B 88 -32.30 -17.03 38.81
CA SER B 88 -31.75 -18.23 39.43
C SER B 88 -30.77 -18.97 38.52
N GLU B 89 -30.83 -18.74 37.21
CA GLU B 89 -29.86 -19.36 36.31
C GLU B 89 -28.50 -18.68 36.38
N ASP B 90 -28.45 -17.42 36.83
CA ASP B 90 -27.20 -16.68 36.93
C ASP B 90 -26.38 -17.03 38.18
N SER B 91 -26.73 -18.10 38.89
CA SER B 91 -25.99 -18.50 40.08
C SER B 91 -24.86 -19.44 39.66
N ALA B 92 -23.74 -18.84 39.27
CA ALA B 92 -22.60 -19.59 38.77
C ALA B 92 -21.33 -18.82 39.06
N VAL B 93 -20.20 -19.40 38.69
CA VAL B 93 -18.90 -18.73 38.84
C VAL B 93 -18.71 -17.78 37.66
N TYR B 94 -17.87 -16.77 37.86
CA TYR B 94 -17.63 -15.73 36.86
C TYR B 94 -16.13 -15.48 36.77
N PHE B 95 -15.46 -16.20 35.86
CA PHE B 95 -14.03 -16.00 35.67
C PHE B 95 -13.78 -14.69 34.93
N CYS B 96 -12.53 -14.25 34.98
CA CYS B 96 -12.09 -13.01 34.34
C CYS B 96 -10.85 -13.33 33.52
N ALA B 97 -11.06 -13.77 32.28
CA ALA B 97 -9.98 -14.21 31.42
C ALA B 97 -9.34 -13.02 30.71
N ARG B 98 -8.02 -13.06 30.56
CA ARG B 98 -7.27 -12.02 29.87
C ARG B 98 -6.93 -12.52 28.47
N SER B 99 -7.55 -11.91 27.46
CA SER B 99 -7.21 -12.27 26.08
C SER B 99 -5.82 -11.75 25.73
N ALA B 100 -5.02 -12.60 25.10
CA ALA B 100 -3.64 -12.26 24.78
C ALA B 100 -3.60 -11.35 23.56
N TYR B 101 -2.41 -11.16 23.01
CA TYR B 101 -2.25 -10.32 21.82
C TYR B 101 -2.97 -10.96 20.64
N GLY B 102 -3.27 -10.12 19.64
CA GLY B 102 -4.04 -10.59 18.49
C GLY B 102 -3.31 -11.59 17.64
N SER B 103 -1.98 -11.50 17.58
CA SER B 103 -1.21 -12.39 16.73
C SER B 103 -1.22 -13.82 17.24
N GLU B 104 -1.40 -14.01 18.55
CA GLU B 104 -1.46 -15.35 19.11
C GLU B 104 -2.83 -15.99 18.97
N GLY B 105 -3.81 -15.28 18.42
CA GLY B 105 -5.14 -15.82 18.27
C GLY B 105 -6.08 -15.49 19.41
N PHE B 106 -5.85 -14.39 20.12
CA PHE B 106 -6.70 -13.97 21.24
C PHE B 106 -6.81 -15.09 22.27
N ALA B 107 -5.66 -15.45 22.84
CA ALA B 107 -5.59 -16.53 23.80
C ALA B 107 -5.93 -16.04 25.20
N MET B 108 -6.88 -16.71 25.85
CA MET B 108 -7.26 -16.39 27.23
C MET B 108 -6.23 -17.01 28.16
N ASP B 109 -5.06 -16.37 28.22
CA ASP B 109 -3.92 -16.91 28.97
C ASP B 109 -4.22 -17.09 30.45
N TYR B 110 -4.44 -15.98 31.15
CA TYR B 110 -4.52 -15.99 32.61
C TYR B 110 -5.95 -15.75 33.06
N TRP B 111 -6.36 -16.49 34.08
CA TRP B 111 -7.73 -16.47 34.57
C TRP B 111 -7.75 -16.11 36.05
N GLY B 112 -8.81 -15.43 36.47
CA GLY B 112 -8.99 -15.07 37.85
C GLY B 112 -9.36 -16.25 38.71
N GLN B 113 -9.56 -15.97 40.00
CA GLN B 113 -9.90 -17.03 40.94
C GLN B 113 -11.32 -17.54 40.68
N GLY B 114 -12.27 -16.64 40.47
CA GLY B 114 -13.65 -17.02 40.26
C GLY B 114 -14.58 -16.49 41.32
N THR B 115 -15.48 -15.58 40.94
CA THR B 115 -16.41 -14.94 41.87
C THR B 115 -17.75 -15.65 41.76
N SER B 116 -17.86 -16.77 42.48
CA SER B 116 -19.09 -17.55 42.46
C SER B 116 -20.19 -16.83 43.22
N VAL B 117 -21.37 -16.78 42.63
CA VAL B 117 -22.56 -16.20 43.27
C VAL B 117 -23.58 -17.30 43.43
N THR B 118 -24.17 -17.39 44.61
CA THR B 118 -25.15 -18.44 44.92
C THR B 118 -26.36 -17.87 45.64
N ASP C 1 -22.19 -14.97 16.36
CA ASP C 1 -22.38 -16.26 17.00
C ASP C 1 -22.03 -17.41 16.05
N ILE C 2 -21.00 -18.17 16.41
CA ILE C 2 -20.56 -19.32 15.63
C ILE C 2 -20.85 -20.57 16.44
N VAL C 3 -21.28 -21.63 15.76
CA VAL C 3 -21.57 -22.91 16.40
C VAL C 3 -20.28 -23.72 16.43
N LEU C 4 -19.95 -24.29 17.59
CA LEU C 4 -18.75 -25.08 17.78
C LEU C 4 -19.17 -26.50 18.16
N THR C 5 -19.25 -27.38 17.16
CA THR C 5 -19.63 -28.76 17.41
C THR C 5 -18.39 -29.57 17.78
N GLN C 6 -18.49 -30.31 18.88
CA GLN C 6 -17.40 -31.15 19.36
C GLN C 6 -17.85 -32.60 19.39
N SER C 7 -16.92 -33.51 19.08
CA SER C 7 -17.21 -34.94 19.06
C SER C 7 -15.89 -35.69 19.09
N PRO C 8 -15.76 -36.76 19.88
CA PRO C 8 -16.81 -37.26 20.79
C PRO C 8 -16.85 -36.47 22.10
N ALA C 9 -18.05 -36.33 22.68
CA ALA C 9 -18.22 -35.59 23.91
C ALA C 9 -17.71 -36.33 25.13
N SER C 10 -17.18 -37.55 24.96
CA SER C 10 -16.64 -38.31 26.09
C SER C 10 -15.71 -39.38 25.52
N LEU C 11 -14.44 -39.36 25.94
CA LEU C 11 -13.43 -40.29 25.47
C LEU C 11 -13.07 -41.23 26.61
N ALA C 12 -13.40 -42.51 26.45
CA ALA C 12 -13.06 -43.53 27.44
C ALA C 12 -11.74 -44.22 27.07
N VAL C 13 -10.70 -43.40 26.94
CA VAL C 13 -9.39 -43.88 26.54
C VAL C 13 -8.58 -44.23 27.77
N SER C 14 -7.76 -45.27 27.66
CA SER C 14 -6.94 -45.75 28.76
C SER C 14 -5.53 -45.17 28.64
N LEU C 15 -4.63 -45.67 29.48
CA LEU C 15 -3.24 -45.21 29.49
C LEU C 15 -2.48 -45.92 28.37
N GLY C 16 -2.08 -45.17 27.34
CA GLY C 16 -1.28 -45.73 26.26
C GLY C 16 -1.85 -45.53 24.87
N GLN C 17 -3.01 -44.90 24.71
CA GLN C 17 -3.61 -44.67 23.40
C GLN C 17 -3.73 -43.17 23.14
N ARG C 18 -3.60 -42.80 21.87
CA ARG C 18 -3.66 -41.40 21.44
C ARG C 18 -5.13 -41.04 21.22
N ALA C 19 -5.71 -40.31 22.16
CA ALA C 19 -7.09 -39.86 22.02
C ALA C 19 -7.18 -38.65 21.10
N THR C 20 -8.36 -38.47 20.52
CA THR C 20 -8.60 -37.37 19.59
C THR C 20 -9.87 -36.63 19.99
N ILE C 21 -9.88 -35.32 19.73
CA ILE C 21 -11.03 -34.47 20.01
C ILE C 21 -11.23 -33.56 18.80
N SER C 22 -12.36 -33.70 18.13
CA SER C 22 -12.66 -32.88 16.97
C SER C 22 -13.42 -31.62 17.37
N CYS C 23 -13.36 -30.61 16.50
CA CYS C 23 -14.03 -29.34 16.76
C CYS C 23 -14.31 -28.69 15.41
N ARG C 24 -15.56 -28.76 14.98
CA ARG C 24 -15.98 -28.21 13.70
C ARG C 24 -16.81 -26.95 13.91
N ALA C 25 -17.00 -26.19 12.84
CA ALA C 25 -17.75 -24.95 12.88
C ALA C 25 -18.20 -24.61 11.47
N SER C 26 -19.13 -23.66 11.37
CA SER C 26 -19.57 -23.16 10.07
C SER C 26 -18.40 -22.56 9.30
N GLU C 27 -17.84 -21.48 9.82
CA GLU C 27 -16.53 -21.04 9.38
C GLU C 27 -15.49 -22.11 9.72
N SER C 28 -14.38 -22.21 8.97
CA SER C 28 -13.70 -21.23 8.09
C SER C 28 -13.25 -20.03 8.93
N VAL C 29 -12.85 -20.34 10.18
CA VAL C 29 -12.32 -19.32 11.09
C VAL C 29 -10.89 -18.96 10.80
N ASP C 30 -10.27 -19.57 9.78
CA ASP C 30 -8.92 -19.22 9.37
C ASP C 30 -8.90 -17.76 8.91
N ASN C 31 -8.22 -16.90 9.66
CA ASN C 31 -8.19 -15.47 9.37
C ASN C 31 -6.77 -14.97 9.46
N TYR C 32 -6.31 -14.30 8.40
CA TYR C 32 -4.97 -13.72 8.35
C TYR C 32 -3.89 -14.78 8.57
N GLY C 33 -4.14 -15.99 8.12
CA GLY C 33 -3.17 -17.08 8.30
C GLY C 33 -3.21 -17.77 9.64
N ILE C 34 -3.29 -17.01 10.72
CA ILE C 34 -3.34 -17.55 12.07
C ILE C 34 -4.79 -17.98 12.37
N SER C 35 -5.02 -19.29 12.37
CA SER C 35 -6.36 -19.81 12.61
C SER C 35 -6.85 -19.47 14.01
N PHE C 36 -7.86 -18.61 14.10
CA PHE C 36 -8.35 -18.14 15.38
C PHE C 36 -9.10 -19.25 16.09
N LEU C 37 -8.43 -19.91 17.03
CA LEU C 37 -9.02 -20.99 17.82
C LEU C 37 -8.06 -21.32 18.94
N ASN C 38 -8.61 -21.87 20.03
CA ASN C 38 -7.81 -22.24 21.19
C ASN C 38 -8.36 -23.52 21.80
N TRP C 39 -7.59 -24.09 22.71
CA TRP C 39 -7.98 -25.31 23.41
C TRP C 39 -7.71 -25.13 24.89
N PHE C 40 -8.69 -25.46 25.72
CA PHE C 40 -8.59 -25.26 27.16
C PHE C 40 -8.69 -26.60 27.89
N GLN C 41 -8.55 -26.56 29.20
CA GLN C 41 -8.65 -27.75 30.04
C GLN C 41 -9.07 -27.32 31.43
N GLN C 42 -10.26 -27.71 31.84
CA GLN C 42 -10.80 -27.34 33.14
C GLN C 42 -10.81 -28.57 34.04
N LYS C 43 -9.76 -28.72 34.85
CA LYS C 43 -9.76 -29.76 35.87
C LYS C 43 -10.86 -29.48 36.89
N PRO C 44 -11.36 -30.51 37.58
CA PRO C 44 -12.43 -30.28 38.57
C PRO C 44 -12.05 -29.28 39.63
N GLY C 45 -12.74 -28.14 39.66
CA GLY C 45 -12.46 -27.10 40.62
C GLY C 45 -11.19 -26.31 40.34
N GLN C 46 -10.97 -25.94 39.08
CA GLN C 46 -9.78 -25.20 38.67
C GLN C 46 -10.15 -24.28 37.52
N PRO C 47 -9.45 -23.18 37.35
CA PRO C 47 -9.69 -22.31 36.19
C PRO C 47 -9.24 -22.99 34.92
N PRO C 48 -9.81 -22.61 33.77
CA PRO C 48 -9.46 -23.28 32.51
C PRO C 48 -8.09 -22.91 31.98
N LYS C 49 -7.06 -23.61 32.43
CA LYS C 49 -5.71 -23.42 31.91
C LYS C 49 -5.69 -23.60 30.40
N LEU C 50 -4.94 -22.75 29.71
CA LEU C 50 -4.87 -22.79 28.26
C LEU C 50 -3.90 -23.85 27.78
N LEU C 51 -4.18 -24.40 26.60
CA LEU C 51 -3.36 -25.46 26.02
C LEU C 51 -2.66 -25.03 24.73
N ILE C 52 -3.41 -24.58 23.73
CA ILE C 52 -2.89 -24.42 22.37
C ILE C 52 -3.26 -23.03 21.85
N TYR C 53 -2.26 -22.32 21.30
CA TYR C 53 -2.51 -21.11 20.53
C TYR C 53 -2.83 -21.48 19.09
N ALA C 54 -3.89 -20.89 18.54
CA ALA C 54 -4.22 -21.03 17.12
C ALA C 54 -4.29 -22.49 16.69
N ALA C 55 -4.61 -23.38 17.62
CA ALA C 55 -4.80 -24.80 17.37
C ALA C 55 -3.55 -25.50 16.85
N SER C 56 -2.43 -24.78 16.78
CA SER C 56 -1.18 -25.39 16.39
C SER C 56 -0.03 -25.09 17.34
N ASN C 57 0.02 -23.87 17.89
CA ASN C 57 1.14 -23.44 18.70
C ASN C 57 0.88 -23.76 20.16
N GLN C 58 1.89 -24.31 20.84
CA GLN C 58 1.74 -24.69 22.24
C GLN C 58 1.50 -23.46 23.10
N GLY C 59 0.97 -23.70 24.30
CA GLY C 59 0.68 -22.63 25.23
C GLY C 59 1.90 -22.18 26.01
N SER C 60 1.75 -21.98 27.31
CA SER C 60 2.86 -21.58 28.17
C SER C 60 2.94 -22.53 29.35
N GLY C 61 4.11 -23.12 29.55
CA GLY C 61 4.29 -24.07 30.64
C GLY C 61 3.49 -25.34 30.48
N VAL C 62 3.43 -25.89 29.27
CA VAL C 62 2.65 -27.10 29.00
C VAL C 62 3.55 -28.15 28.38
N PRO C 63 3.46 -29.41 28.80
CA PRO C 63 4.26 -30.46 28.16
C PRO C 63 3.87 -30.63 26.69
N ALA C 64 4.77 -31.28 25.96
CA ALA C 64 4.59 -31.47 24.52
C ALA C 64 3.62 -32.60 24.19
N ARG C 65 2.87 -33.11 25.17
CA ARG C 65 1.90 -34.17 24.89
C ARG C 65 0.73 -33.63 24.09
N PHE C 66 0.16 -32.51 24.50
CA PHE C 66 -1.00 -31.93 23.84
C PHE C 66 -0.59 -31.27 22.53
N SER C 67 -0.70 -32.01 21.43
CA SER C 67 -0.37 -31.47 20.12
C SER C 67 -1.57 -30.70 19.57
N GLY C 68 -1.51 -30.35 18.29
CA GLY C 68 -2.60 -29.63 17.65
C GLY C 68 -2.47 -29.63 16.14
N SER C 69 -3.59 -29.73 15.44
CA SER C 69 -3.58 -29.79 13.99
C SER C 69 -4.92 -29.33 13.46
N GLY C 70 -5.00 -29.20 12.14
CA GLY C 70 -6.23 -28.81 11.48
C GLY C 70 -6.21 -27.34 11.07
N SER C 71 -7.01 -27.04 10.06
CA SER C 71 -7.16 -25.67 9.59
C SER C 71 -8.47 -25.56 8.81
N GLY C 72 -9.05 -24.37 8.83
CA GLY C 72 -10.31 -24.14 8.15
C GLY C 72 -11.52 -24.43 9.02
N THR C 73 -12.11 -25.61 8.85
CA THR C 73 -13.30 -26.00 9.61
C THR C 73 -13.03 -27.11 10.62
N TYR C 74 -12.17 -28.07 10.28
CA TYR C 74 -11.93 -29.24 11.13
C TYR C 74 -10.66 -29.00 11.93
N PHE C 75 -10.82 -28.80 13.24
CA PHE C 75 -9.71 -28.64 14.16
C PHE C 75 -9.71 -29.81 15.14
N SER C 76 -8.55 -30.44 15.31
CA SER C 76 -8.44 -31.64 16.13
C SER C 76 -7.35 -31.46 17.19
N LEU C 77 -7.55 -32.12 18.32
CA LEU C 77 -6.60 -32.10 19.44
C LEU C 77 -6.14 -33.54 19.67
N ASN C 78 -5.10 -33.95 18.94
CA ASN C 78 -4.57 -35.31 19.05
C ASN C 78 -3.63 -35.37 20.24
N ILE C 79 -4.21 -35.62 21.42
CA ILE C 79 -3.43 -35.70 22.65
C ILE C 79 -2.55 -36.94 22.63
N HIS C 80 -1.31 -36.77 23.07
CA HIS C 80 -0.40 -37.91 23.19
C HIS C 80 -0.92 -38.86 24.26
N PRO C 81 -0.66 -40.17 24.12
CA PRO C 81 -1.04 -41.12 25.18
C PRO C 81 -0.60 -40.67 26.57
N MET C 82 -1.57 -40.43 27.44
CA MET C 82 -1.34 -39.83 28.74
C MET C 82 -1.74 -40.82 29.84
N GLU C 83 -1.51 -40.41 31.08
CA GLU C 83 -1.93 -41.17 32.26
C GLU C 83 -3.13 -40.50 32.91
N GLU C 84 -3.54 -41.04 34.05
CA GLU C 84 -4.77 -40.60 34.70
C GLU C 84 -4.65 -39.23 35.38
N ASP C 85 -3.59 -38.45 35.16
CA ASP C 85 -3.52 -37.11 35.73
C ASP C 85 -4.20 -36.07 34.87
N ASP C 86 -4.37 -36.33 33.57
CA ASP C 86 -4.95 -35.38 32.63
C ASP C 86 -6.44 -35.61 32.41
N THR C 87 -7.13 -36.14 33.41
CA THR C 87 -8.58 -36.31 33.32
C THR C 87 -9.26 -34.99 33.63
N ALA C 88 -9.85 -34.37 32.60
CA ALA C 88 -10.47 -33.06 32.74
C ALA C 88 -11.42 -32.86 31.57
N VAL C 89 -11.91 -31.63 31.42
CA VAL C 89 -12.82 -31.26 30.33
C VAL C 89 -12.07 -30.29 29.41
N TYR C 90 -12.11 -30.56 28.11
CA TYR C 90 -11.36 -29.78 27.13
C TYR C 90 -12.34 -29.02 26.24
N PHE C 91 -12.18 -27.70 26.19
CA PHE C 91 -13.04 -26.83 25.39
C PHE C 91 -12.31 -26.37 24.14
N CYS C 92 -13.10 -25.90 23.18
CA CYS C 92 -12.59 -25.43 21.88
C CYS C 92 -13.13 -24.02 21.66
N GLN C 93 -12.39 -23.03 22.15
CA GLN C 93 -12.83 -21.64 22.15
C GLN C 93 -12.25 -20.91 20.95
N GLN C 94 -13.07 -20.69 19.93
CA GLN C 94 -12.64 -19.89 18.80
C GLN C 94 -12.57 -18.42 19.18
N THR C 95 -11.94 -17.62 18.31
CA THR C 95 -11.78 -16.20 18.59
C THR C 95 -12.07 -15.31 17.39
N LYS C 96 -12.51 -15.85 16.27
CA LYS C 96 -12.91 -15.01 15.15
C LYS C 96 -14.15 -14.21 15.52
N GLY C 97 -14.15 -12.94 15.16
CA GLY C 97 -15.19 -12.02 15.59
C GLY C 97 -16.58 -12.45 15.15
N VAL C 98 -17.58 -11.77 15.70
CA VAL C 98 -17.35 -10.66 16.63
C VAL C 98 -17.59 -11.12 18.06
N SER C 99 -18.35 -12.21 18.20
CA SER C 99 -18.67 -12.78 19.50
C SER C 99 -18.09 -14.18 19.57
N TRP C 100 -17.16 -14.40 20.49
CA TRP C 100 -16.51 -15.70 20.63
C TRP C 100 -17.48 -16.70 21.26
N THR C 101 -17.12 -17.98 21.17
CA THR C 101 -17.98 -19.04 21.66
C THR C 101 -17.12 -20.19 22.16
N PHE C 102 -17.63 -20.88 23.18
CA PHE C 102 -16.97 -22.04 23.75
C PHE C 102 -17.67 -23.31 23.29
N GLY C 103 -16.90 -24.39 23.21
CA GLY C 103 -17.45 -25.67 22.84
C GLY C 103 -18.27 -26.29 23.96
N GLY C 104 -18.56 -27.58 23.79
CA GLY C 104 -19.35 -28.30 24.77
C GLY C 104 -18.51 -29.00 25.81
N GLY C 105 -17.24 -29.27 25.47
CA GLY C 105 -16.35 -29.96 26.38
C GLY C 105 -16.39 -31.46 26.24
N THR C 106 -15.23 -32.09 26.21
CA THR C 106 -15.11 -33.54 26.03
C THR C 106 -14.31 -34.11 27.19
N LYS C 107 -15.02 -34.59 28.23
CA LYS C 107 -14.36 -35.16 29.38
C LYS C 107 -13.69 -36.48 29.01
N VAL C 108 -12.48 -36.68 29.50
CA VAL C 108 -11.71 -37.89 29.21
C VAL C 108 -11.38 -38.60 30.52
N GLU C 109 -11.33 -39.93 30.45
CA GLU C 109 -11.02 -40.78 31.60
C GLU C 109 -10.82 -42.20 31.09
N ILE C 110 -10.27 -43.05 31.95
CA ILE C 110 -10.05 -44.45 31.61
C ILE C 110 -11.39 -45.19 31.59
#